data_6N0N
#
_entry.id   6N0N
#
_cell.length_a   49.927
_cell.length_b   105.202
_cell.length_c   193.743
_cell.angle_alpha   90.00
_cell.angle_beta   90.00
_cell.angle_gamma   90.00
#
_symmetry.space_group_name_H-M   'P 21 21 21'
#
loop_
_entity.id
_entity.type
_entity.pdbx_description
1 polymer 'Tyrosyl-DNA phosphodiesterase 1'
2 non-polymer '4-methylbenzene-1,2-dicarboxylic acid'
3 non-polymer 1,2-ETHANEDIOL
4 non-polymer 'DIMETHYL SULFOXIDE'
5 water water
#
_entity_poly.entity_id   1
_entity_poly.type   'polypeptide(L)'
_entity_poly.pdbx_seq_one_letter_code
;SGEGQDIWDMLDKGNPFQFYLTRVSGVKPKYNSGALHIKDILSPLFGTLVSSAQFNYCFDVDWLVKQYPPEFRKKPILLV
HGDKREAKAHLHAQAKPYENISLCQAKLDIAFGTHHTKMMLLLYEEGLRVVIHTSNLIHADWHQKTQGIWLSPLYPRIAD
GTHKSGESPTHFKADLISYLMAYNAPSLKEWIDVIHKHDLSETNVYLIGSTPGRFQGSQKDNWGHFRLKKLLKDHASSMP
NAESWPVVGQFSSVGSLGADESKWLCSEFKESMLTLGKESKTPGKSSVPLYLIYPSVENVRTSLEGYPAGGSLPYSIQTA
EKQNWLHSYFHKWSAETSGRSNAMPHIKTYMRPSPDFSKIAWFLVTSANLSKAAWGALEKNGTQLMIRSYELGVLFLPSA
FGLDSFKVKQKFFAGSQEPMATFPVPYDLPPELYGSKDRPWIWNIPYVKAPDTHGNMWVPS
;
_entity_poly.pdbx_strand_id   A,B
#
# COMPACT_ATOMS: atom_id res chain seq x y z
N ASN A 15 1.72 -24.00 4.21
CA ASN A 15 2.54 -22.82 4.44
C ASN A 15 1.94 -21.60 3.74
N PRO A 16 2.19 -20.42 4.30
CA PRO A 16 1.84 -19.20 3.58
C PRO A 16 2.91 -18.73 2.60
N PHE A 17 4.14 -19.25 2.72
CA PHE A 17 5.24 -18.54 2.06
C PHE A 17 5.42 -18.91 0.61
N GLN A 18 5.13 -20.17 0.22
CA GLN A 18 5.29 -20.62 -1.16
C GLN A 18 6.70 -20.37 -1.69
N PHE A 19 7.68 -20.66 -0.84
CA PHE A 19 9.10 -20.59 -1.17
C PHE A 19 9.60 -22.02 -1.26
N TYR A 20 10.17 -22.37 -2.40
CA TYR A 20 10.58 -23.74 -2.69
C TYR A 20 12.03 -23.75 -3.15
N LEU A 21 12.67 -24.89 -2.96
CA LEU A 21 13.94 -25.19 -3.60
C LEU A 21 13.71 -26.09 -4.81
N THR A 22 14.65 -26.04 -5.75
CA THR A 22 14.60 -26.98 -6.87
C THR A 22 15.03 -28.37 -6.43
N ARG A 23 14.60 -29.37 -7.19
CA ARG A 23 15.00 -30.74 -6.94
C ARG A 23 16.50 -30.93 -7.18
N VAL A 24 17.15 -31.73 -6.32
CA VAL A 24 18.58 -32.01 -6.44
C VAL A 24 18.76 -33.50 -6.70
N SER A 25 19.40 -33.84 -7.82
N SER A 25 19.40 -33.85 -7.82
CA SER A 25 19.71 -35.24 -8.10
CA SER A 25 19.72 -35.24 -8.11
C SER A 25 20.89 -35.69 -7.26
C SER A 25 20.89 -35.69 -7.26
N GLY A 26 20.77 -36.86 -6.64
CA GLY A 26 21.86 -37.42 -5.87
C GLY A 26 21.80 -37.18 -4.38
N VAL A 27 20.70 -36.63 -3.86
CA VAL A 27 20.45 -36.58 -2.43
C VAL A 27 19.29 -37.54 -2.12
N LYS A 28 19.17 -37.89 -0.85
CA LYS A 28 18.11 -38.81 -0.46
C LYS A 28 16.74 -38.20 -0.73
N PRO A 29 15.74 -39.02 -1.06
CA PRO A 29 14.43 -38.48 -1.46
C PRO A 29 13.79 -37.57 -0.43
N LYS A 30 14.05 -37.76 0.86
CA LYS A 30 13.49 -36.88 1.88
C LYS A 30 13.90 -35.43 1.69
N TYR A 31 15.02 -35.16 1.02
CA TYR A 31 15.46 -33.80 0.75
C TYR A 31 14.86 -33.23 -0.52
N ASN A 32 14.10 -34.00 -1.27
CA ASN A 32 13.34 -33.47 -2.40
C ASN A 32 11.86 -33.49 -2.14
N SER A 33 11.43 -33.93 -0.96
CA SER A 33 10.04 -33.87 -0.53
C SER A 33 9.63 -32.40 -0.43
N GLY A 34 8.79 -31.95 -1.34
CA GLY A 34 8.43 -30.55 -1.34
C GLY A 34 9.34 -29.64 -2.12
N ALA A 35 10.33 -30.18 -2.83
CA ALA A 35 11.08 -29.41 -3.81
C ALA A 35 10.35 -29.47 -5.15
N LEU A 36 10.70 -28.56 -6.05
CA LEU A 36 10.03 -28.45 -7.35
C LEU A 36 11.03 -28.54 -8.48
N HIS A 37 10.72 -29.39 -9.46
CA HIS A 37 11.43 -29.37 -10.73
C HIS A 37 10.64 -28.51 -11.72
N ILE A 38 11.32 -28.06 -12.78
CA ILE A 38 10.64 -27.23 -13.77
C ILE A 38 9.44 -27.95 -14.37
N LYS A 39 9.55 -29.27 -14.56
CA LYS A 39 8.42 -30.03 -15.08
C LYS A 39 7.22 -29.98 -14.14
N ASP A 40 7.46 -29.88 -12.82
CA ASP A 40 6.34 -29.74 -11.89
C ASP A 40 5.66 -28.40 -12.06
N ILE A 41 6.43 -27.34 -12.27
CA ILE A 41 5.87 -25.99 -12.38
C ILE A 41 4.99 -25.88 -13.62
N LEU A 42 5.39 -26.52 -14.70
CA LEU A 42 4.69 -26.43 -15.98
C LEU A 42 3.61 -27.50 -16.14
N SER A 43 3.43 -28.35 -15.14
CA SER A 43 2.51 -29.47 -15.20
C SER A 43 1.07 -28.99 -15.40
N PRO A 44 0.22 -29.80 -16.02
N PRO A 44 0.22 -29.80 -16.02
CA PRO A 44 -1.21 -29.43 -16.11
CA PRO A 44 -1.21 -29.44 -16.11
C PRO A 44 -1.88 -29.32 -14.76
C PRO A 44 -1.87 -29.29 -14.75
N LEU A 45 -1.27 -29.87 -13.70
CA LEU A 45 -1.82 -29.72 -12.36
C LEU A 45 -1.77 -28.27 -11.89
N PHE A 46 -0.84 -27.48 -12.42
CA PHE A 46 -0.73 -26.06 -12.05
C PHE A 46 -1.68 -25.17 -12.85
N GLY A 47 -2.24 -25.66 -13.94
CA GLY A 47 -3.16 -24.89 -14.76
C GLY A 47 -3.09 -25.34 -16.22
N THR A 48 -4.15 -25.01 -16.96
CA THR A 48 -4.26 -25.36 -18.37
C THR A 48 -3.65 -24.24 -19.20
N LEU A 49 -2.41 -24.43 -19.64
CA LEU A 49 -1.61 -23.33 -20.17
C LEU A 49 -2.13 -22.84 -21.52
N VAL A 50 -2.18 -21.51 -21.66
CA VAL A 50 -2.55 -20.85 -22.90
C VAL A 50 -1.34 -20.17 -23.55
N SER A 51 -0.46 -19.59 -22.75
N SER A 51 -0.45 -19.60 -22.74
CA SER A 51 0.74 -18.94 -23.24
CA SER A 51 0.69 -18.82 -23.21
C SER A 51 1.66 -18.72 -22.05
C SER A 51 1.64 -18.63 -22.04
N SER A 52 2.92 -18.41 -22.33
CA SER A 52 3.89 -18.19 -21.27
C SER A 52 5.00 -17.24 -21.71
N ALA A 53 5.62 -16.60 -20.72
CA ALA A 53 6.80 -15.76 -20.93
C ALA A 53 7.88 -16.27 -20.01
N GLN A 54 9.09 -16.45 -20.54
CA GLN A 54 10.25 -16.90 -19.78
C GLN A 54 11.29 -15.81 -19.82
N PHE A 55 11.45 -15.10 -18.70
CA PHE A 55 12.51 -14.11 -18.54
C PHE A 55 13.72 -14.83 -18.00
N ASN A 56 14.88 -14.65 -18.63
CA ASN A 56 16.06 -15.31 -18.10
C ASN A 56 17.33 -14.69 -18.70
N TYR A 57 18.47 -15.24 -18.28
CA TYR A 57 19.77 -14.90 -18.82
C TYR A 57 20.22 -15.87 -19.91
N CYS A 58 20.28 -17.15 -19.63
N CYS A 58 20.21 -17.17 -19.61
CA CYS A 58 20.65 -18.10 -20.66
CA CYS A 58 20.71 -18.22 -20.49
C CYS A 58 19.65 -19.23 -20.77
C CYS A 58 19.60 -19.24 -20.75
N PHE A 59 19.49 -19.70 -22.00
CA PHE A 59 18.44 -20.62 -22.40
C PHE A 59 19.04 -21.76 -23.21
N ASP A 60 18.57 -22.97 -22.95
CA ASP A 60 18.73 -24.10 -23.88
C ASP A 60 17.31 -24.37 -24.39
N VAL A 61 17.02 -23.93 -25.61
CA VAL A 61 15.64 -23.93 -26.10
C VAL A 61 15.14 -25.36 -26.30
N ASP A 62 15.97 -26.23 -26.87
CA ASP A 62 15.56 -27.63 -27.04
C ASP A 62 15.17 -28.23 -25.70
N TRP A 63 16.01 -28.02 -24.68
CA TRP A 63 15.71 -28.54 -23.34
C TRP A 63 14.45 -27.91 -22.78
N LEU A 64 14.33 -26.57 -22.88
CA LEU A 64 13.19 -25.87 -22.33
C LEU A 64 11.87 -26.41 -22.87
N VAL A 65 11.79 -26.58 -24.20
CA VAL A 65 10.53 -27.01 -24.78
C VAL A 65 10.14 -28.38 -24.26
N LYS A 66 11.12 -29.27 -24.04
CA LYS A 66 10.83 -30.59 -23.48
C LYS A 66 10.36 -30.55 -22.04
N GLN A 67 10.53 -29.42 -21.33
CA GLN A 67 10.05 -29.33 -19.96
C GLN A 67 8.56 -29.02 -19.90
N TYR A 68 7.99 -28.47 -20.99
CA TYR A 68 6.56 -28.27 -21.06
C TYR A 68 5.87 -29.61 -21.35
N PRO A 69 4.71 -29.86 -20.77
CA PRO A 69 3.98 -31.08 -21.11
C PRO A 69 3.69 -31.11 -22.60
N PRO A 70 3.62 -32.30 -23.20
CA PRO A 70 3.40 -32.37 -24.66
C PRO A 70 2.18 -31.60 -25.12
N GLU A 71 1.09 -31.64 -24.35
CA GLU A 71 -0.14 -30.95 -24.76
C GLU A 71 0.01 -29.43 -24.74
N PHE A 72 0.99 -28.90 -24.01
CA PHE A 72 1.22 -27.46 -23.96
C PHE A 72 2.39 -27.02 -24.82
N ARG A 73 3.04 -27.95 -25.52
CA ARG A 73 4.34 -27.66 -26.12
C ARG A 73 4.25 -26.71 -27.32
N LYS A 74 3.08 -26.56 -27.93
CA LYS A 74 2.93 -25.65 -29.06
C LYS A 74 2.30 -24.32 -28.70
N LYS A 75 1.98 -24.09 -27.42
CA LYS A 75 1.44 -22.80 -27.04
C LYS A 75 2.52 -21.72 -27.12
N PRO A 76 2.14 -20.47 -27.36
CA PRO A 76 3.14 -19.40 -27.51
C PRO A 76 4.04 -19.28 -26.29
N ILE A 77 5.34 -19.15 -26.57
CA ILE A 77 6.35 -18.87 -25.55
C ILE A 77 7.10 -17.62 -25.98
N LEU A 78 7.24 -16.67 -25.07
CA LEU A 78 8.06 -15.47 -25.27
C LEU A 78 9.33 -15.63 -24.43
N LEU A 79 10.49 -15.55 -25.07
CA LEU A 79 11.76 -15.56 -24.37
C LEU A 79 12.24 -14.11 -24.23
N VAL A 80 12.41 -13.66 -22.99
CA VAL A 80 12.90 -12.31 -22.70
C VAL A 80 14.34 -12.44 -22.24
N HIS A 81 15.27 -11.87 -23.02
CA HIS A 81 16.70 -12.08 -22.84
C HIS A 81 17.42 -10.75 -23.05
N GLY A 82 18.73 -10.74 -22.82
CA GLY A 82 19.52 -9.54 -23.01
C GLY A 82 20.64 -9.64 -24.04
N ASP A 83 20.64 -10.70 -24.84
CA ASP A 83 21.75 -10.98 -25.74
C ASP A 83 21.83 -9.99 -26.91
N LYS A 84 23.05 -9.75 -27.37
CA LYS A 84 23.35 -8.85 -28.48
C LYS A 84 24.30 -9.55 -29.44
N ARG A 85 24.40 -8.97 -30.64
CA ARG A 85 25.44 -9.30 -31.64
C ARG A 85 25.41 -10.81 -31.92
N GLU A 86 26.54 -11.51 -31.85
CA GLU A 86 26.59 -12.94 -32.16
C GLU A 86 25.76 -13.76 -31.18
N ALA A 87 25.77 -13.38 -29.90
CA ALA A 87 25.00 -14.11 -28.89
C ALA A 87 23.50 -14.06 -29.20
N LYS A 88 23.01 -12.91 -29.65
CA LYS A 88 21.61 -12.79 -30.03
C LYS A 88 21.28 -13.69 -31.21
N ALA A 89 22.18 -13.74 -32.20
CA ALA A 89 21.96 -14.60 -33.36
C ALA A 89 21.89 -16.07 -32.97
N HIS A 90 22.73 -16.50 -32.02
CA HIS A 90 22.68 -17.89 -31.59
C HIS A 90 21.36 -18.23 -30.92
N LEU A 91 20.83 -17.32 -30.09
CA LEU A 91 19.55 -17.60 -29.45
C LEU A 91 18.43 -17.70 -30.48
N HIS A 92 18.43 -16.81 -31.47
CA HIS A 92 17.42 -16.90 -32.54
C HIS A 92 17.55 -18.23 -33.29
N ALA A 93 18.78 -18.71 -33.51
CA ALA A 93 18.94 -19.97 -34.21
C ALA A 93 18.39 -21.14 -33.37
N GLN A 94 18.55 -21.07 -32.05
CA GLN A 94 17.99 -22.09 -31.18
C GLN A 94 16.48 -22.14 -31.27
N ALA A 95 15.83 -20.97 -31.33
CA ALA A 95 14.38 -20.87 -31.33
C ALA A 95 13.76 -21.13 -32.69
N LYS A 96 14.52 -20.99 -33.78
CA LYS A 96 13.96 -21.08 -35.13
C LYS A 96 13.12 -22.33 -35.41
N PRO A 97 13.50 -23.54 -34.96
CA PRO A 97 12.65 -24.71 -35.25
C PRO A 97 11.27 -24.67 -34.61
N TYR A 98 11.04 -23.80 -33.63
CA TYR A 98 9.78 -23.75 -32.87
C TYR A 98 9.03 -22.49 -33.27
N GLU A 99 8.05 -22.65 -34.16
CA GLU A 99 7.32 -21.51 -34.70
C GLU A 99 6.51 -20.75 -33.65
N ASN A 100 6.25 -21.37 -32.50
CA ASN A 100 5.48 -20.74 -31.44
C ASN A 100 6.34 -19.89 -30.51
N ILE A 101 7.65 -19.85 -30.71
CA ILE A 101 8.55 -19.11 -29.83
C ILE A 101 8.85 -17.75 -30.43
N SER A 102 8.56 -16.70 -29.66
CA SER A 102 8.94 -15.32 -29.96
C SER A 102 10.02 -14.89 -28.98
N LEU A 103 10.76 -13.86 -29.36
CA LEU A 103 11.87 -13.36 -28.54
C LEU A 103 11.71 -11.87 -28.32
N CYS A 104 12.13 -11.41 -27.12
CA CYS A 104 12.17 -10.00 -26.77
C CYS A 104 13.54 -9.70 -26.22
N GLN A 105 14.29 -8.84 -26.91
CA GLN A 105 15.61 -8.42 -26.46
C GLN A 105 15.46 -7.20 -25.57
N ALA A 106 15.73 -7.37 -24.29
CA ALA A 106 15.67 -6.28 -23.33
C ALA A 106 16.81 -5.32 -23.60
N LYS A 107 16.49 -4.03 -23.68
CA LYS A 107 17.53 -3.05 -23.96
C LYS A 107 18.49 -2.93 -22.78
N LEU A 108 19.79 -2.85 -23.10
CA LEU A 108 20.87 -2.74 -22.12
C LEU A 108 21.74 -1.58 -22.58
N ASP A 109 21.29 -0.37 -22.32
CA ASP A 109 21.93 0.82 -22.87
C ASP A 109 23.03 1.38 -21.97
N ILE A 110 23.19 0.85 -20.77
CA ILE A 110 24.35 1.14 -19.94
C ILE A 110 25.32 -0.02 -20.11
N ALA A 111 26.60 0.30 -20.32
CA ALA A 111 27.58 -0.75 -20.60
C ALA A 111 27.70 -1.69 -19.41
N PHE A 112 28.09 -2.94 -19.72
CA PHE A 112 28.35 -3.98 -18.72
C PHE A 112 27.10 -4.40 -17.94
N GLY A 113 25.93 -4.27 -18.55
CA GLY A 113 24.70 -4.70 -17.93
C GLY A 113 24.27 -6.07 -18.39
N THR A 114 23.41 -6.72 -17.60
CA THR A 114 22.96 -8.07 -17.87
C THR A 114 21.45 -8.13 -17.67
N HIS A 115 20.76 -8.91 -18.49
CA HIS A 115 19.37 -9.24 -18.20
C HIS A 115 19.38 -10.48 -17.30
N HIS A 116 19.37 -10.25 -15.99
N HIS A 116 19.30 -10.25 -16.00
CA HIS A 116 19.54 -11.35 -15.04
CA HIS A 116 19.55 -11.29 -15.01
C HIS A 116 18.22 -11.95 -14.59
C HIS A 116 18.27 -11.84 -14.38
N THR A 117 17.16 -11.14 -14.54
CA THR A 117 15.86 -11.55 -13.99
C THR A 117 15.43 -12.92 -14.49
N LYS A 118 14.96 -13.75 -13.55
CA LYS A 118 14.47 -15.09 -13.83
C LYS A 118 13.02 -15.16 -13.37
N MET A 119 12.10 -15.17 -14.32
CA MET A 119 10.68 -15.09 -14.01
C MET A 119 9.90 -15.83 -15.08
N MET A 120 8.83 -16.50 -14.65
CA MET A 120 7.86 -17.07 -15.58
C MET A 120 6.53 -16.36 -15.40
N LEU A 121 5.90 -15.97 -16.51
CA LEU A 121 4.50 -15.56 -16.52
C LEU A 121 3.73 -16.69 -17.21
N LEU A 122 2.75 -17.25 -16.52
CA LEU A 122 2.04 -18.44 -16.99
C LEU A 122 0.56 -18.12 -17.07
N LEU A 123 0.04 -17.99 -18.28
CA LEU A 123 -1.37 -17.68 -18.48
C LEU A 123 -2.14 -18.97 -18.72
N TYR A 124 -3.19 -19.19 -17.94
CA TYR A 124 -4.01 -20.40 -18.02
C TYR A 124 -5.44 -20.05 -18.40
N GLU A 125 -6.20 -21.09 -18.73
CA GLU A 125 -7.65 -20.94 -18.87
C GLU A 125 -8.28 -20.56 -17.54
N GLU A 126 -7.65 -20.94 -16.43
CA GLU A 126 -8.20 -20.72 -15.10
C GLU A 126 -7.71 -19.44 -14.44
N GLY A 127 -6.70 -18.78 -15.00
CA GLY A 127 -6.14 -17.61 -14.33
C GLY A 127 -4.71 -17.37 -14.78
N LEU A 128 -3.93 -16.74 -13.89
CA LEU A 128 -2.56 -16.34 -14.19
C LEU A 128 -1.67 -16.71 -13.00
N ARG A 129 -0.44 -17.15 -13.27
CA ARG A 129 0.54 -17.37 -12.23
C ARG A 129 1.84 -16.66 -12.57
N VAL A 130 2.52 -16.16 -11.54
CA VAL A 130 3.84 -15.55 -11.65
C VAL A 130 4.81 -16.39 -10.83
N VAL A 131 5.94 -16.75 -11.44
CA VAL A 131 7.00 -17.50 -10.76
C VAL A 131 8.26 -16.65 -10.82
N ILE A 132 8.84 -16.33 -9.67
CA ILE A 132 10.08 -15.58 -9.61
C ILE A 132 11.11 -16.48 -8.97
N HIS A 133 12.21 -16.72 -9.66
CA HIS A 133 13.10 -17.81 -9.26
C HIS A 133 14.54 -17.43 -9.58
N THR A 134 15.46 -18.40 -9.43
CA THR A 134 16.88 -18.11 -9.55
C THR A 134 17.61 -18.91 -10.63
N SER A 135 16.93 -19.79 -11.37
CA SER A 135 17.60 -20.76 -12.24
C SER A 135 17.59 -20.33 -13.71
N ASN A 136 18.72 -20.50 -14.38
CA ASN A 136 18.74 -20.38 -15.83
C ASN A 136 17.97 -21.55 -16.45
N LEU A 137 17.59 -21.39 -17.71
CA LEU A 137 16.78 -22.41 -18.38
C LEU A 137 17.66 -23.38 -19.15
N ILE A 138 18.54 -24.03 -18.38
CA ILE A 138 19.45 -25.06 -18.87
C ILE A 138 19.44 -26.22 -17.87
N HIS A 139 19.72 -27.42 -18.37
CA HIS A 139 19.64 -28.61 -17.55
C HIS A 139 20.47 -28.48 -16.28
N ALA A 140 21.68 -27.95 -16.41
CA ALA A 140 22.61 -27.94 -15.27
C ALA A 140 22.08 -27.10 -14.11
N ASP A 141 21.27 -26.06 -14.40
CA ASP A 141 20.83 -25.22 -13.30
C ASP A 141 19.74 -25.87 -12.47
N TRP A 142 19.12 -26.94 -12.95
CA TRP A 142 18.05 -27.62 -12.22
C TRP A 142 18.48 -29.00 -11.76
N HIS A 143 19.77 -29.33 -11.89
CA HIS A 143 20.23 -30.68 -11.66
C HIS A 143 20.78 -30.87 -10.25
N GLN A 144 21.91 -30.24 -9.92
CA GLN A 144 22.55 -30.48 -8.63
C GLN A 144 22.92 -29.18 -7.91
N LYS A 145 22.15 -28.12 -8.14
CA LYS A 145 22.37 -26.83 -7.49
C LYS A 145 21.28 -26.52 -6.47
N THR A 146 21.61 -25.66 -5.52
CA THR A 146 20.60 -25.06 -4.65
C THR A 146 20.05 -23.82 -5.34
N GLN A 147 18.75 -23.85 -5.68
CA GLN A 147 18.06 -22.75 -6.33
C GLN A 147 16.74 -22.51 -5.60
N GLY A 148 16.22 -21.28 -5.73
CA GLY A 148 15.02 -20.87 -5.02
C GLY A 148 13.91 -20.44 -5.97
N ILE A 149 12.67 -20.71 -5.56
CA ILE A 149 11.47 -20.43 -6.35
C ILE A 149 10.42 -19.82 -5.44
N TRP A 150 9.80 -18.73 -5.89
CA TRP A 150 8.56 -18.25 -5.29
C TRP A 150 7.43 -18.49 -6.27
N LEU A 151 6.38 -19.16 -5.81
CA LEU A 151 5.18 -19.40 -6.63
C LEU A 151 4.06 -18.49 -6.18
N SER A 152 3.52 -17.70 -7.09
CA SER A 152 2.36 -16.89 -6.77
C SER A 152 1.13 -17.78 -6.62
N PRO A 153 0.06 -17.27 -6.00
CA PRO A 153 -1.23 -17.96 -6.08
C PRO A 153 -1.71 -17.99 -7.53
N LEU A 154 -2.72 -18.83 -7.77
CA LEU A 154 -3.46 -18.73 -9.02
C LEU A 154 -4.32 -17.48 -8.97
N TYR A 155 -4.02 -16.52 -9.83
CA TYR A 155 -4.75 -15.26 -9.84
C TYR A 155 -5.95 -15.38 -10.77
N PRO A 156 -7.18 -15.19 -10.30
CA PRO A 156 -8.33 -15.30 -11.19
C PRO A 156 -8.46 -14.06 -12.06
N ARG A 157 -9.13 -14.23 -13.22
CA ARG A 157 -9.39 -13.08 -14.07
C ARG A 157 -10.51 -12.24 -13.46
N ILE A 158 -10.37 -10.93 -13.58
CA ILE A 158 -11.47 -10.04 -13.24
C ILE A 158 -12.52 -10.11 -14.34
N ALA A 159 -13.79 -10.33 -13.95
CA ALA A 159 -14.85 -10.45 -14.94
C ALA A 159 -14.98 -9.15 -15.73
N ASP A 160 -15.12 -9.28 -17.05
CA ASP A 160 -15.30 -8.10 -17.89
C ASP A 160 -16.59 -7.39 -17.49
N GLY A 161 -16.55 -6.06 -17.52
CA GLY A 161 -17.61 -5.25 -16.97
C GLY A 161 -17.43 -4.91 -15.51
N THR A 162 -16.55 -5.61 -14.80
CA THR A 162 -16.26 -5.32 -13.40
C THR A 162 -15.08 -4.36 -13.33
N HIS A 163 -15.22 -3.31 -12.52
CA HIS A 163 -14.12 -2.38 -12.27
C HIS A 163 -13.61 -2.61 -10.84
N LYS A 164 -12.49 -3.31 -10.73
CA LYS A 164 -11.78 -3.48 -9.47
C LYS A 164 -10.30 -3.32 -9.74
N SER A 165 -9.55 -2.97 -8.69
CA SER A 165 -8.11 -2.80 -8.88
C SER A 165 -7.40 -4.15 -9.06
N GLY A 166 -7.86 -5.18 -8.35
CA GLY A 166 -7.09 -6.41 -8.29
C GLY A 166 -5.77 -6.27 -7.57
N GLU A 167 -5.62 -5.23 -6.75
CA GLU A 167 -4.34 -4.93 -6.13
C GLU A 167 -4.23 -5.56 -4.74
N SER A 168 -3.01 -5.91 -4.37
N SER A 168 -3.01 -5.89 -4.36
CA SER A 168 -2.71 -6.49 -3.07
CA SER A 168 -2.72 -6.49 -3.07
C SER A 168 -2.27 -5.41 -2.08
C SER A 168 -2.27 -5.43 -2.08
N PRO A 169 -2.30 -5.71 -0.78
CA PRO A 169 -1.77 -4.75 0.19
C PRO A 169 -0.28 -4.47 -0.02
N THR A 170 0.45 -5.32 -0.73
CA THR A 170 1.86 -5.07 -0.99
C THR A 170 2.12 -4.33 -2.30
N HIS A 171 1.06 -3.91 -3.01
CA HIS A 171 1.17 -3.16 -4.27
C HIS A 171 1.81 -3.99 -5.38
N PHE A 172 1.75 -5.32 -5.26
CA PHE A 172 2.48 -6.18 -6.19
C PHE A 172 2.02 -6.03 -7.64
N LYS A 173 0.72 -5.82 -7.85
CA LYS A 173 0.22 -5.73 -9.23
C LYS A 173 0.78 -4.51 -9.93
N ALA A 174 0.63 -3.33 -9.32
CA ALA A 174 1.18 -2.12 -9.93
C ALA A 174 2.70 -2.21 -10.02
N ASP A 175 3.36 -2.79 -9.02
CA ASP A 175 4.82 -2.84 -9.06
C ASP A 175 5.32 -3.76 -10.16
N LEU A 176 4.64 -4.90 -10.38
CA LEU A 176 5.03 -5.78 -11.47
C LEU A 176 4.81 -5.11 -12.82
N ILE A 177 3.68 -4.43 -12.98
CA ILE A 177 3.43 -3.69 -14.22
C ILE A 177 4.50 -2.64 -14.44
N SER A 178 4.86 -1.90 -13.38
N SER A 178 4.87 -1.91 -13.37
CA SER A 178 5.93 -0.90 -13.49
CA SER A 178 5.92 -0.91 -13.49
C SER A 178 7.24 -1.54 -13.92
C SER A 178 7.25 -1.53 -13.90
N TYR A 179 7.57 -2.70 -13.36
CA TYR A 179 8.79 -3.39 -13.76
C TYR A 179 8.77 -3.72 -15.25
N LEU A 180 7.64 -4.26 -15.73
CA LEU A 180 7.53 -4.59 -17.15
C LEU A 180 7.51 -3.36 -18.03
N MET A 181 6.93 -2.25 -17.55
N MET A 181 6.93 -2.25 -17.55
CA MET A 181 6.87 -1.04 -18.36
CA MET A 181 6.86 -1.04 -18.36
C MET A 181 8.25 -0.50 -18.67
C MET A 181 8.24 -0.48 -18.65
N ALA A 182 9.21 -0.72 -17.77
CA ALA A 182 10.57 -0.21 -17.97
C ALA A 182 11.25 -0.81 -19.19
N TYR A 183 10.79 -1.98 -19.67
CA TYR A 183 11.38 -2.57 -20.87
C TYR A 183 11.03 -1.78 -22.14
N ASN A 184 9.88 -1.10 -22.13
CA ASN A 184 9.40 -0.38 -23.31
C ASN A 184 9.31 -1.31 -24.52
N ALA A 185 8.76 -2.50 -24.30
CA ALA A 185 8.75 -3.56 -25.29
C ALA A 185 7.32 -3.91 -25.69
N PRO A 186 7.01 -3.99 -26.99
CA PRO A 186 5.62 -4.29 -27.37
C PRO A 186 5.15 -5.66 -26.92
N SER A 187 6.04 -6.67 -26.94
CA SER A 187 5.62 -7.99 -26.49
C SER A 187 5.29 -7.99 -25.01
N LEU A 188 5.92 -7.11 -24.23
CA LEU A 188 5.63 -7.04 -22.81
C LEU A 188 4.44 -6.18 -22.48
N LYS A 189 4.11 -5.21 -23.33
CA LYS A 189 2.84 -4.49 -23.14
C LYS A 189 1.67 -5.46 -23.23
N GLU A 190 1.78 -6.49 -24.07
CA GLU A 190 0.73 -7.51 -24.13
C GLU A 190 0.60 -8.23 -22.79
N TRP A 191 1.72 -8.54 -22.14
CA TRP A 191 1.64 -9.19 -20.83
C TRP A 191 1.16 -8.23 -19.75
N ILE A 192 1.49 -6.94 -19.86
CA ILE A 192 0.92 -5.94 -18.95
C ILE A 192 -0.59 -5.94 -19.03
N ASP A 193 -1.13 -6.02 -20.24
CA ASP A 193 -2.58 -6.03 -20.42
C ASP A 193 -3.19 -7.29 -19.82
N VAL A 194 -2.50 -8.43 -19.93
CA VAL A 194 -2.96 -9.65 -19.26
C VAL A 194 -3.01 -9.44 -17.75
N ILE A 195 -1.94 -8.89 -17.19
CA ILE A 195 -1.91 -8.69 -15.74
C ILE A 195 -3.02 -7.75 -15.29
N HIS A 196 -3.26 -6.68 -16.05
CA HIS A 196 -4.34 -5.75 -15.72
C HIS A 196 -5.66 -6.45 -15.56
N LYS A 197 -5.90 -7.51 -16.34
CA LYS A 197 -7.18 -8.22 -16.32
C LYS A 197 -7.29 -9.23 -15.20
N HIS A 198 -6.26 -9.40 -14.36
CA HIS A 198 -6.29 -10.40 -13.31
C HIS A 198 -6.27 -9.78 -11.92
N ASP A 199 -6.75 -10.58 -10.95
CA ASP A 199 -6.87 -10.16 -9.57
C ASP A 199 -5.68 -10.71 -8.80
N LEU A 200 -4.74 -9.84 -8.45
CA LEU A 200 -3.53 -10.23 -7.74
C LEU A 200 -3.59 -9.88 -6.26
N SER A 201 -4.79 -9.64 -5.73
CA SER A 201 -4.97 -9.11 -4.37
C SER A 201 -4.47 -10.07 -3.28
N GLU A 202 -4.37 -11.37 -3.57
CA GLU A 202 -3.90 -12.31 -2.55
C GLU A 202 -2.40 -12.28 -2.32
N THR A 203 -1.65 -11.50 -3.10
CA THR A 203 -0.19 -11.52 -3.03
C THR A 203 0.30 -10.89 -1.74
N ASN A 204 1.16 -11.63 -1.03
N ASN A 204 1.16 -11.60 -1.02
CA ASN A 204 1.66 -11.23 0.28
CA ASN A 204 1.66 -11.09 0.26
C ASN A 204 3.14 -10.84 0.28
C ASN A 204 3.18 -10.95 0.28
N VAL A 205 3.80 -10.86 -0.88
CA VAL A 205 5.21 -10.48 -1.01
C VAL A 205 5.30 -9.13 -1.69
N TYR A 206 6.41 -8.42 -1.43
CA TYR A 206 6.73 -7.18 -2.13
C TYR A 206 7.73 -7.44 -3.24
N LEU A 207 7.53 -6.78 -4.36
CA LEU A 207 8.45 -6.93 -5.49
C LEU A 207 9.64 -5.99 -5.32
N ILE A 208 10.85 -6.50 -5.54
CA ILE A 208 12.06 -5.67 -5.55
C ILE A 208 12.77 -5.92 -6.87
N GLY A 209 12.70 -4.95 -7.77
CA GLY A 209 13.36 -5.07 -9.04
C GLY A 209 14.47 -4.08 -9.23
N SER A 210 15.31 -4.39 -10.23
CA SER A 210 16.30 -3.46 -10.75
C SER A 210 16.08 -3.37 -12.25
N THR A 211 16.24 -2.18 -12.80
N THR A 211 16.21 -2.18 -12.80
CA THR A 211 16.19 -1.96 -14.24
CA THR A 211 16.19 -1.97 -14.24
C THR A 211 17.27 -0.95 -14.58
C THR A 211 17.28 -0.98 -14.57
N PRO A 212 17.85 -1.04 -15.78
CA PRO A 212 18.96 -0.13 -16.11
C PRO A 212 18.52 1.32 -16.15
N GLY A 213 19.34 2.19 -15.60
CA GLY A 213 19.03 3.60 -15.66
C GLY A 213 19.84 4.42 -14.67
N ARG A 214 19.56 5.72 -14.68
N ARG A 214 19.57 5.72 -14.69
CA ARG A 214 20.13 6.68 -13.74
CA ARG A 214 20.13 6.68 -13.74
C ARG A 214 18.93 7.41 -13.14
C ARG A 214 18.93 7.41 -13.14
N PHE A 215 18.59 7.05 -11.91
CA PHE A 215 17.36 7.49 -11.27
C PHE A 215 17.64 8.59 -10.27
N GLN A 216 16.89 9.69 -10.39
CA GLN A 216 17.04 10.86 -9.53
C GLN A 216 15.74 11.13 -8.80
N GLY A 217 15.85 11.92 -7.74
CA GLY A 217 14.66 12.31 -7.00
C GLY A 217 13.97 11.10 -6.40
N SER A 218 12.65 11.11 -6.45
CA SER A 218 11.88 10.03 -5.85
C SER A 218 12.01 8.74 -6.63
N GLN A 219 12.31 8.83 -7.93
CA GLN A 219 12.50 7.61 -8.72
C GLN A 219 13.64 6.74 -8.19
N LYS A 220 14.53 7.30 -7.38
CA LYS A 220 15.57 6.48 -6.76
C LYS A 220 14.96 5.35 -5.93
N ASP A 221 13.82 5.61 -5.30
CA ASP A 221 13.22 4.61 -4.43
C ASP A 221 12.56 3.48 -5.19
N ASN A 222 12.52 3.53 -6.53
CA ASN A 222 11.80 2.52 -7.28
C ASN A 222 12.58 1.21 -7.44
N TRP A 223 13.91 1.24 -7.35
CA TRP A 223 14.70 0.11 -7.81
C TRP A 223 15.87 -0.16 -6.86
N GLY A 224 16.39 -1.38 -6.96
CA GLY A 224 17.64 -1.76 -6.33
C GLY A 224 17.63 -1.59 -4.82
N HIS A 225 18.79 -1.19 -4.28
CA HIS A 225 18.90 -1.16 -2.82
C HIS A 225 18.10 -0.02 -2.21
N PHE A 226 17.83 1.05 -2.96
CA PHE A 226 16.96 2.10 -2.44
C PHE A 226 15.51 1.63 -2.35
N ARG A 227 15.10 0.72 -3.24
CA ARG A 227 13.77 0.13 -3.16
C ARG A 227 13.64 -0.73 -1.90
N LEU A 228 14.66 -1.55 -1.63
CA LEU A 228 14.67 -2.31 -0.39
C LEU A 228 14.62 -1.39 0.83
N LYS A 229 15.46 -0.35 0.83
CA LYS A 229 15.47 0.62 1.93
C LYS A 229 14.09 1.21 2.17
N LYS A 230 13.40 1.60 1.10
CA LYS A 230 12.10 2.25 1.24
C LYS A 230 11.06 1.27 1.82
N LEU A 231 11.09 0.02 1.38
CA LEU A 231 10.16 -0.98 1.90
C LEU A 231 10.41 -1.26 3.38
N LEU A 232 11.68 -1.34 3.77
CA LEU A 232 12.01 -1.60 5.17
C LEU A 232 11.65 -0.41 6.05
N LYS A 233 11.78 0.80 5.52
CA LYS A 233 11.39 1.98 6.27
C LYS A 233 9.87 2.03 6.47
N ASP A 234 9.11 1.66 5.43
CA ASP A 234 7.66 1.83 5.47
C ASP A 234 6.92 0.65 6.08
N HIS A 235 7.50 -0.56 6.05
CA HIS A 235 6.76 -1.76 6.37
C HIS A 235 7.45 -2.69 7.36
N ALA A 236 8.56 -2.26 7.93
CA ALA A 236 9.19 -2.96 9.04
C ALA A 236 9.34 -1.98 10.19
N SER A 237 9.52 -2.52 11.40
CA SER A 237 9.72 -1.68 12.57
C SER A 237 11.05 -2.04 13.22
N SER A 238 11.69 -1.05 13.80
CA SER A 238 12.92 -1.29 14.54
C SER A 238 12.60 -1.84 15.92
N MET A 239 13.44 -2.73 16.40
CA MET A 239 13.29 -3.38 17.69
C MET A 239 14.44 -2.94 18.60
N PRO A 240 14.30 -3.15 19.91
CA PRO A 240 15.44 -2.87 20.80
C PRO A 240 16.62 -3.76 20.41
N ASN A 241 17.82 -3.22 20.58
CA ASN A 241 19.05 -3.93 20.26
C ASN A 241 19.14 -4.28 18.78
N ALA A 242 18.54 -3.44 17.92
CA ALA A 242 18.57 -3.71 16.48
C ALA A 242 19.98 -3.74 15.94
N GLU A 243 20.90 -2.98 16.54
CA GLU A 243 22.30 -3.01 16.12
C GLU A 243 22.91 -4.40 16.28
N SER A 244 22.29 -5.26 17.07
CA SER A 244 22.76 -6.62 17.29
C SER A 244 22.19 -7.62 16.28
N TRP A 245 21.19 -7.23 15.49
CA TRP A 245 20.63 -8.13 14.48
C TRP A 245 21.50 -8.10 13.23
N PRO A 246 22.17 -9.19 12.87
CA PRO A 246 23.05 -9.18 11.71
C PRO A 246 22.29 -9.01 10.40
N VAL A 247 23.06 -8.70 9.36
CA VAL A 247 22.62 -8.81 7.98
C VAL A 247 23.36 -9.98 7.35
N VAL A 248 22.63 -10.83 6.62
CA VAL A 248 23.21 -11.96 5.90
C VAL A 248 22.91 -11.78 4.43
N GLY A 249 23.96 -11.86 3.61
CA GLY A 249 23.82 -11.88 2.16
C GLY A 249 24.46 -13.15 1.63
N GLN A 250 23.83 -13.73 0.60
CA GLN A 250 24.22 -15.06 0.12
C GLN A 250 24.02 -15.05 -1.40
N PHE A 251 25.05 -15.39 -2.17
CA PHE A 251 25.06 -15.07 -3.60
C PHE A 251 25.99 -16.01 -4.35
N SER A 252 25.93 -15.93 -5.68
CA SER A 252 26.73 -16.80 -6.54
C SER A 252 27.79 -16.06 -7.34
N SER A 253 27.87 -14.75 -7.23
CA SER A 253 28.83 -13.95 -7.98
C SER A 253 29.14 -12.69 -7.21
N VAL A 254 30.33 -12.14 -7.46
CA VAL A 254 30.80 -10.93 -6.78
C VAL A 254 31.34 -9.97 -7.83
N GLY A 255 30.85 -8.73 -7.80
CA GLY A 255 31.39 -7.68 -8.65
C GLY A 255 32.50 -6.90 -7.97
N SER A 256 33.00 -5.90 -8.69
N SER A 256 33.01 -5.91 -8.70
CA SER A 256 34.04 -5.01 -8.18
CA SER A 256 34.03 -5.02 -8.17
C SER A 256 33.40 -4.01 -7.24
C SER A 256 33.37 -4.02 -7.23
N LEU A 257 33.73 -4.08 -5.95
CA LEU A 257 33.08 -3.26 -4.93
C LEU A 257 33.89 -2.05 -4.50
N GLY A 258 35.15 -1.94 -4.89
CA GLY A 258 35.98 -0.80 -4.55
C GLY A 258 37.17 -1.20 -3.71
N ALA A 259 38.01 -0.19 -3.42
CA ALA A 259 39.28 -0.41 -2.76
C ALA A 259 39.15 -0.72 -1.27
N ASP A 260 38.00 -0.42 -0.67
CA ASP A 260 37.75 -0.77 0.73
C ASP A 260 36.25 -0.80 0.95
N GLU A 261 35.86 -1.21 2.15
CA GLU A 261 34.44 -1.41 2.46
C GLU A 261 33.66 -0.09 2.48
N SER A 262 34.32 1.04 2.70
CA SER A 262 33.62 2.32 2.77
C SER A 262 33.18 2.83 1.40
N LYS A 263 33.68 2.26 0.30
CA LYS A 263 33.37 2.80 -1.01
C LYS A 263 31.94 2.47 -1.43
N TRP A 264 31.40 1.32 -1.00
CA TRP A 264 30.04 0.94 -1.38
C TRP A 264 29.43 -0.09 -0.43
N LEU A 265 30.19 -1.12 -0.07
CA LEU A 265 29.63 -2.25 0.65
C LEU A 265 29.04 -1.83 1.99
N CYS A 266 29.84 -1.16 2.82
CA CYS A 266 29.41 -0.79 4.16
C CYS A 266 28.84 0.62 4.24
N SER A 267 28.96 1.40 3.17
CA SER A 267 28.46 2.77 3.19
C SER A 267 27.05 2.87 2.63
N GLU A 268 26.78 2.24 1.50
CA GLU A 268 25.43 2.33 0.94
C GLU A 268 24.68 1.00 0.86
N PHE A 269 25.34 -0.10 0.48
CA PHE A 269 24.65 -1.38 0.43
C PHE A 269 24.21 -1.84 1.82
N LYS A 270 25.15 -1.90 2.76
CA LYS A 270 24.80 -2.32 4.11
C LYS A 270 23.85 -1.32 4.76
N GLU A 271 24.04 -0.02 4.50
CA GLU A 271 23.17 0.98 5.09
C GLU A 271 21.71 0.77 4.71
N SER A 272 21.45 0.42 3.45
CA SER A 272 20.08 0.11 3.06
C SER A 272 19.59 -1.15 3.74
N MET A 273 20.44 -2.17 3.83
CA MET A 273 19.96 -3.44 4.38
C MET A 273 19.73 -3.40 5.89
N LEU A 274 20.35 -2.44 6.61
N LEU A 274 20.34 -2.46 6.60
CA LEU A 274 20.14 -2.31 8.04
CA LEU A 274 20.12 -2.37 8.04
C LEU A 274 18.82 -1.63 8.38
C LEU A 274 18.94 -1.48 8.41
N THR A 275 18.23 -0.94 7.42
CA THR A 275 17.09 -0.07 7.70
C THR A 275 15.94 -0.84 8.32
N LEU A 276 15.35 -0.26 9.37
CA LEU A 276 14.10 -0.76 9.94
C LEU A 276 13.31 0.44 10.43
N GLY A 277 12.13 0.66 9.87
CA GLY A 277 11.25 1.69 10.37
C GLY A 277 11.63 3.08 9.91
N LYS A 278 10.88 4.07 10.42
CA LYS A 278 10.92 5.43 9.90
C LYS A 278 11.79 6.37 10.71
N GLU A 279 12.27 5.96 11.88
CA GLU A 279 13.12 6.82 12.68
C GLU A 279 14.55 6.80 12.13
N SER A 280 15.32 7.81 12.49
CA SER A 280 16.70 7.92 12.04
C SER A 280 17.68 7.72 13.18
N SER A 286 28.44 2.06 11.82
CA SER A 286 27.46 1.09 12.30
C SER A 286 28.09 -0.20 12.78
N SER A 287 27.56 -0.74 13.88
CA SER A 287 28.07 -1.94 14.52
C SER A 287 27.40 -3.21 14.02
N VAL A 288 26.48 -3.12 13.08
CA VAL A 288 25.70 -4.29 12.68
C VAL A 288 26.63 -5.31 12.02
N PRO A 289 26.63 -6.56 12.45
CA PRO A 289 27.48 -7.57 11.79
C PRO A 289 26.95 -7.89 10.40
N LEU A 290 27.87 -8.07 9.46
CA LEU A 290 27.55 -8.41 8.09
C LEU A 290 28.19 -9.75 7.77
N TYR A 291 27.37 -10.75 7.46
CA TYR A 291 27.82 -12.09 7.09
C TYR A 291 27.55 -12.28 5.61
N LEU A 292 28.58 -12.61 4.84
CA LEU A 292 28.42 -12.88 3.42
C LEU A 292 28.75 -14.34 3.19
N ILE A 293 27.83 -15.07 2.56
CA ILE A 293 27.97 -16.51 2.34
C ILE A 293 28.27 -16.74 0.87
N TYR A 294 29.44 -17.34 0.59
CA TYR A 294 29.87 -17.58 -0.77
C TYR A 294 30.79 -18.80 -0.75
N PRO A 295 30.61 -19.76 -1.66
CA PRO A 295 31.37 -21.02 -1.58
C PRO A 295 32.88 -20.82 -1.60
N SER A 296 33.55 -21.51 -0.69
CA SER A 296 34.99 -21.62 -0.74
C SER A 296 35.42 -22.59 -1.83
N VAL A 297 36.72 -22.58 -2.13
CA VAL A 297 37.26 -23.56 -3.08
C VAL A 297 36.94 -24.96 -2.60
N GLU A 298 37.10 -25.22 -1.30
N GLU A 298 37.13 -25.22 -1.30
CA GLU A 298 36.84 -26.56 -0.77
CA GLU A 298 36.85 -26.55 -0.76
C GLU A 298 35.39 -26.93 -0.90
C GLU A 298 35.39 -26.93 -0.93
N ASN A 299 34.47 -25.97 -0.71
CA ASN A 299 33.04 -26.25 -0.89
C ASN A 299 32.79 -26.72 -2.31
N VAL A 300 33.39 -26.04 -3.30
CA VAL A 300 33.21 -26.41 -4.70
C VAL A 300 33.85 -27.77 -4.99
N ARG A 301 35.09 -27.97 -4.52
CA ARG A 301 35.84 -29.18 -4.86
C ARG A 301 35.09 -30.44 -4.45
N THR A 302 34.44 -30.43 -3.29
CA THR A 302 33.78 -31.63 -2.78
C THR A 302 32.29 -31.63 -3.05
N SER A 303 31.80 -30.76 -3.92
CA SER A 303 30.38 -30.68 -4.21
C SER A 303 29.94 -31.87 -5.07
N LEU A 304 28.61 -32.00 -5.26
CA LEU A 304 28.09 -33.06 -6.12
C LEU A 304 28.67 -32.97 -7.52
N GLU A 305 28.85 -31.75 -8.02
CA GLU A 305 29.37 -31.55 -9.38
C GLU A 305 30.88 -31.50 -9.44
N GLY A 306 31.55 -31.27 -8.31
CA GLY A 306 32.97 -31.01 -8.36
C GLY A 306 33.26 -29.61 -8.89
N TYR A 307 34.49 -29.44 -9.36
CA TYR A 307 34.93 -28.14 -9.86
C TYR A 307 34.00 -27.53 -10.91
N PRO A 308 33.37 -28.28 -11.82
CA PRO A 308 32.45 -27.66 -12.77
C PRO A 308 31.31 -26.87 -12.14
N ALA A 309 30.96 -27.11 -10.87
CA ALA A 309 30.00 -26.21 -10.22
C ALA A 309 30.51 -24.78 -10.25
N GLY A 310 31.83 -24.60 -10.25
CA GLY A 310 32.41 -23.28 -10.27
C GLY A 310 32.24 -22.54 -11.56
N GLY A 311 31.84 -23.22 -12.64
CA GLY A 311 31.46 -22.51 -13.85
C GLY A 311 30.24 -21.63 -13.66
N SER A 312 29.43 -21.89 -12.63
CA SER A 312 28.28 -21.07 -12.29
C SER A 312 28.51 -20.23 -11.04
N LEU A 313 29.77 -20.01 -10.67
CA LEU A 313 30.14 -19.13 -9.56
C LEU A 313 31.14 -18.12 -10.09
N PRO A 314 30.67 -17.14 -10.87
CA PRO A 314 31.59 -16.22 -11.56
C PRO A 314 32.12 -15.18 -10.59
N TYR A 315 33.39 -15.32 -10.25
CA TYR A 315 34.14 -14.31 -9.51
C TYR A 315 35.54 -14.40 -10.12
N SER A 316 35.96 -13.34 -10.80
CA SER A 316 37.20 -13.37 -11.56
C SER A 316 38.38 -12.97 -10.69
N ILE A 317 39.56 -13.51 -11.02
CA ILE A 317 40.77 -13.16 -10.28
C ILE A 317 41.09 -11.67 -10.44
N GLN A 318 40.80 -11.11 -11.62
CA GLN A 318 41.05 -9.70 -11.86
C GLN A 318 40.29 -8.81 -10.88
N THR A 319 39.05 -9.19 -10.57
CA THR A 319 38.24 -8.45 -9.61
C THR A 319 38.64 -8.79 -8.17
N ALA A 320 38.85 -10.07 -7.88
CA ALA A 320 39.13 -10.49 -6.51
C ALA A 320 40.42 -9.88 -5.98
N GLU A 321 41.46 -9.80 -6.82
CA GLU A 321 42.73 -9.28 -6.34
C GLU A 321 42.68 -7.79 -6.01
N LYS A 322 41.65 -7.09 -6.48
CA LYS A 322 41.47 -5.68 -6.16
C LYS A 322 40.80 -5.46 -4.81
N GLN A 323 40.26 -6.50 -4.18
CA GLN A 323 39.41 -6.32 -3.01
C GLN A 323 39.60 -7.46 -2.03
N ASN A 324 40.86 -7.78 -1.70
CA ASN A 324 41.10 -8.84 -0.72
C ASN A 324 40.49 -8.52 0.63
N TRP A 325 40.31 -7.22 0.94
CA TRP A 325 39.62 -6.84 2.17
C TRP A 325 38.25 -7.51 2.30
N LEU A 326 37.60 -7.80 1.17
CA LEU A 326 36.24 -8.32 1.20
C LEU A 326 36.18 -9.72 1.79
N HIS A 327 37.23 -10.51 1.61
CA HIS A 327 37.12 -11.94 1.91
C HIS A 327 37.06 -12.22 3.42
N SER A 328 37.43 -11.27 4.26
N SER A 328 37.43 -11.27 4.26
CA SER A 328 37.24 -11.44 5.70
CA SER A 328 37.25 -11.43 5.70
C SER A 328 35.78 -11.45 6.11
C SER A 328 35.78 -11.46 6.10
N TYR A 329 34.87 -11.08 5.21
CA TYR A 329 33.44 -11.18 5.46
C TYR A 329 32.87 -12.53 5.05
N PHE A 330 33.66 -13.39 4.41
CA PHE A 330 33.12 -14.56 3.72
C PHE A 330 32.94 -15.75 4.66
N HIS A 331 31.80 -16.44 4.48
CA HIS A 331 31.40 -17.60 5.25
C HIS A 331 31.07 -18.74 4.29
N LYS A 332 31.35 -19.96 4.74
CA LYS A 332 31.20 -21.16 3.92
C LYS A 332 29.73 -21.41 3.59
N TRP A 333 29.51 -22.11 2.46
CA TRP A 333 28.19 -22.65 2.16
C TRP A 333 27.97 -23.92 3.00
N SER A 334 26.90 -23.92 3.77
CA SER A 334 26.53 -25.10 4.54
C SER A 334 25.01 -25.15 4.57
N ALA A 335 24.45 -26.31 4.26
CA ALA A 335 23.00 -26.42 4.16
C ALA A 335 22.54 -27.80 4.62
N GLU A 336 23.04 -28.24 5.78
CA GLU A 336 22.56 -29.49 6.36
C GLU A 336 21.05 -29.48 6.56
N THR A 337 20.48 -28.31 6.88
CA THR A 337 19.04 -28.21 7.13
C THR A 337 18.20 -28.71 5.96
N SER A 338 18.71 -28.55 4.72
CA SER A 338 18.00 -28.98 3.53
C SER A 338 18.76 -30.07 2.77
N GLY A 339 19.74 -30.71 3.39
CA GLY A 339 20.51 -31.75 2.72
C GLY A 339 21.31 -31.27 1.54
N ARG A 340 21.67 -29.98 1.50
CA ARG A 340 22.20 -29.35 0.29
C ARG A 340 23.60 -28.76 0.46
N SER A 341 24.36 -29.18 1.47
CA SER A 341 25.72 -28.69 1.60
C SER A 341 26.58 -28.97 0.37
N ASN A 342 26.29 -30.04 -0.36
CA ASN A 342 27.08 -30.37 -1.55
C ASN A 342 26.41 -29.93 -2.85
N ALA A 343 25.25 -29.27 -2.77
CA ALA A 343 24.58 -28.73 -3.95
C ALA A 343 24.90 -27.24 -4.00
N MET A 344 25.82 -26.85 -4.87
CA MET A 344 26.34 -25.49 -4.79
C MET A 344 25.24 -24.46 -5.04
N PRO A 345 25.29 -23.32 -4.37
CA PRO A 345 24.19 -22.35 -4.47
C PRO A 345 24.27 -21.52 -5.75
N HIS A 346 23.16 -21.49 -6.46
CA HIS A 346 22.91 -20.45 -7.45
C HIS A 346 21.75 -19.56 -7.02
N ILE A 347 21.06 -19.92 -5.93
CA ILE A 347 20.12 -19.03 -5.30
C ILE A 347 20.85 -17.80 -4.75
N LYS A 348 20.11 -16.69 -4.63
CA LYS A 348 20.61 -15.50 -3.95
C LYS A 348 19.59 -15.10 -2.91
N THR A 349 20.03 -14.86 -1.68
CA THR A 349 19.14 -14.51 -0.60
C THR A 349 19.78 -13.47 0.31
N TYR A 350 18.93 -12.66 0.95
CA TYR A 350 19.37 -11.65 1.91
C TYR A 350 18.36 -11.66 3.04
N MET A 351 18.83 -11.49 4.27
CA MET A 351 17.90 -11.59 5.39
C MET A 351 18.50 -10.93 6.61
N ARG A 352 17.65 -10.77 7.62
CA ARG A 352 18.00 -10.04 8.84
C ARG A 352 17.67 -10.86 10.07
N PRO A 353 18.55 -11.77 10.47
CA PRO A 353 18.29 -12.60 11.65
C PRO A 353 18.48 -11.85 12.96
N SER A 354 17.90 -12.44 14.02
CA SER A 354 18.11 -11.97 15.37
C SER A 354 19.50 -12.37 15.84
N PRO A 355 19.97 -11.83 16.97
CA PRO A 355 21.34 -12.13 17.40
C PRO A 355 21.62 -13.61 17.60
N ASP A 356 20.62 -14.41 17.98
CA ASP A 356 20.80 -15.85 18.13
C ASP A 356 20.30 -16.65 16.94
N PHE A 357 19.95 -15.97 15.84
CA PHE A 357 19.57 -16.61 14.59
C PHE A 357 18.29 -17.44 14.69
N SER A 358 17.48 -17.21 15.72
CA SER A 358 16.25 -17.97 15.91
C SER A 358 15.06 -17.33 15.22
N LYS A 359 15.16 -16.05 14.86
CA LYS A 359 14.08 -15.31 14.21
C LYS A 359 14.69 -14.48 13.10
N ILE A 360 13.86 -14.04 12.16
CA ILE A 360 14.31 -13.11 11.12
C ILE A 360 13.30 -11.96 10.98
N ALA A 361 13.82 -10.76 10.72
CA ALA A 361 12.96 -9.61 10.51
C ALA A 361 12.44 -9.50 9.09
N TRP A 362 13.07 -10.19 8.13
CA TRP A 362 12.63 -10.22 6.74
C TRP A 362 13.54 -11.19 5.99
N PHE A 363 13.11 -11.56 4.79
CA PHE A 363 13.84 -12.49 3.93
C PHE A 363 13.57 -12.09 2.50
N LEU A 364 14.62 -12.07 1.68
CA LEU A 364 14.54 -11.72 0.27
C LEU A 364 15.17 -12.84 -0.54
N VAL A 365 14.45 -13.35 -1.55
CA VAL A 365 15.03 -14.20 -2.58
C VAL A 365 15.02 -13.42 -3.89
N THR A 366 16.14 -13.44 -4.61
CA THR A 366 16.31 -12.54 -5.73
C THR A 366 17.31 -13.13 -6.71
N SER A 367 17.38 -12.51 -7.88
CA SER A 367 18.46 -12.78 -8.82
C SER A 367 19.72 -11.98 -8.49
N ALA A 368 19.63 -10.97 -7.62
CA ALA A 368 20.72 -10.01 -7.49
C ALA A 368 21.89 -10.59 -6.70
N ASN A 369 23.07 -10.58 -7.31
CA ASN A 369 24.31 -10.98 -6.67
C ASN A 369 24.93 -9.79 -5.93
N LEU A 370 26.12 -10.00 -5.37
CA LEU A 370 26.79 -8.95 -4.61
C LEU A 370 27.55 -8.06 -5.59
N SER A 371 26.82 -7.09 -6.15
CA SER A 371 27.31 -6.35 -7.31
C SER A 371 26.62 -5.00 -7.37
N LYS A 372 27.42 -3.96 -7.64
CA LYS A 372 26.87 -2.63 -7.87
C LYS A 372 25.99 -2.59 -9.12
N ALA A 373 26.32 -3.40 -10.13
CA ALA A 373 25.51 -3.44 -11.34
C ALA A 373 24.08 -3.87 -11.04
N ALA A 374 23.91 -4.77 -10.07
CA ALA A 374 22.60 -5.34 -9.74
C ALA A 374 21.83 -4.46 -8.77
N TRP A 375 22.52 -3.92 -7.77
CA TRP A 375 21.86 -3.23 -6.67
C TRP A 375 21.83 -1.72 -6.85
N GLY A 376 22.73 -1.16 -7.66
CA GLY A 376 22.79 0.27 -7.86
C GLY A 376 23.94 0.89 -7.08
N ALA A 377 24.50 1.95 -7.66
CA ALA A 377 25.55 2.74 -7.04
C ALA A 377 25.24 4.22 -7.20
N LEU A 378 25.41 4.97 -6.13
CA LEU A 378 25.11 6.41 -6.15
C LEU A 378 26.16 7.16 -6.97
N GLU A 379 25.70 8.18 -7.68
CA GLU A 379 26.56 9.05 -8.46
C GLU A 379 26.12 10.49 -8.24
N LYS A 380 26.98 11.42 -8.64
CA LYS A 380 26.68 12.86 -8.64
C LYS A 380 26.34 13.35 -7.24
N ASN A 381 27.32 13.20 -6.33
CA ASN A 381 27.17 13.57 -4.92
C ASN A 381 25.89 13.03 -4.31
N GLY A 382 25.60 11.76 -4.61
CA GLY A 382 24.49 11.06 -3.99
C GLY A 382 23.12 11.41 -4.52
N THR A 383 23.03 12.11 -5.65
CA THR A 383 21.73 12.51 -6.19
C THR A 383 21.16 11.51 -7.19
N GLN A 384 21.96 10.57 -7.69
CA GLN A 384 21.59 9.72 -8.81
C GLN A 384 21.98 8.29 -8.49
N LEU A 385 21.05 7.35 -8.64
CA LEU A 385 21.32 5.94 -8.46
C LEU A 385 21.43 5.27 -9.82
N MET A 386 22.61 4.74 -10.13
CA MET A 386 22.87 4.13 -11.42
C MET A 386 22.84 2.61 -11.29
N ILE A 387 21.99 1.98 -12.11
CA ILE A 387 21.84 0.53 -12.17
C ILE A 387 22.13 0.09 -13.59
N ARG A 388 22.85 -1.01 -13.74
CA ARG A 388 23.22 -1.47 -15.07
C ARG A 388 22.35 -2.61 -15.59
N SER A 389 21.69 -3.36 -14.72
N SER A 389 21.67 -3.34 -14.72
CA SER A 389 21.13 -4.66 -15.08
CA SER A 389 21.12 -4.64 -15.06
C SER A 389 19.68 -4.77 -14.65
C SER A 389 19.64 -4.72 -14.70
N TYR A 390 18.99 -5.76 -15.23
CA TYR A 390 17.65 -6.16 -14.80
C TYR A 390 17.80 -7.25 -13.74
N GLU A 391 17.12 -7.07 -12.61
CA GLU A 391 17.09 -8.04 -11.53
C GLU A 391 15.69 -8.08 -10.96
N LEU A 392 15.33 -9.18 -10.30
CA LEU A 392 14.01 -9.26 -9.70
C LEU A 392 14.02 -10.23 -8.54
N GLY A 393 13.36 -9.83 -7.44
CA GLY A 393 13.19 -10.70 -6.30
C GLY A 393 11.90 -10.37 -5.55
N VAL A 394 11.60 -11.19 -4.54
CA VAL A 394 10.44 -10.99 -3.68
C VAL A 394 10.87 -10.92 -2.23
N LEU A 395 10.25 -10.01 -1.49
CA LEU A 395 10.59 -9.73 -0.11
C LEU A 395 9.45 -10.19 0.78
N PHE A 396 9.80 -10.99 1.79
CA PHE A 396 8.87 -11.47 2.79
C PHE A 396 9.05 -10.61 4.03
N LEU A 397 8.02 -9.85 4.40
CA LEU A 397 8.02 -9.03 5.60
C LEU A 397 6.99 -9.55 6.59
N PRO A 398 7.34 -9.70 7.87
CA PRO A 398 6.36 -10.19 8.85
C PRO A 398 5.05 -9.43 8.85
N SER A 399 5.09 -8.10 8.70
CA SER A 399 3.86 -7.31 8.70
C SER A 399 2.88 -7.76 7.63
N ALA A 400 3.38 -8.25 6.49
CA ALA A 400 2.49 -8.69 5.43
C ALA A 400 1.79 -9.99 5.77
N PHE A 401 2.18 -10.62 6.88
CA PHE A 401 1.58 -11.86 7.36
C PHE A 401 0.96 -11.70 8.75
N GLY A 402 0.78 -10.46 9.22
CA GLY A 402 0.24 -10.23 10.56
C GLY A 402 1.18 -10.64 11.68
N LEU A 403 2.48 -10.57 11.44
CA LEU A 403 3.48 -11.03 12.40
C LEU A 403 4.48 -9.91 12.67
N ASP A 404 5.19 -10.04 13.80
CA ASP A 404 6.27 -9.12 14.14
C ASP A 404 7.63 -9.62 13.67
N SER A 405 7.81 -10.93 13.61
CA SER A 405 9.01 -11.57 13.07
C SER A 405 8.61 -12.95 12.58
N PHE A 406 9.52 -13.59 11.84
CA PHE A 406 9.36 -14.98 11.45
C PHE A 406 10.27 -15.83 12.32
N LYS A 407 9.75 -16.95 12.80
N LYS A 407 9.75 -16.95 12.80
CA LYS A 407 10.61 -17.98 13.40
CA LYS A 407 10.61 -17.97 13.39
C LYS A 407 11.34 -18.71 12.28
C LYS A 407 11.36 -18.68 12.26
N VAL A 408 12.59 -19.08 12.54
CA VAL A 408 13.38 -19.81 11.55
C VAL A 408 13.03 -21.29 11.65
N LYS A 409 12.68 -21.90 10.51
CA LYS A 409 12.35 -23.32 10.48
C LYS A 409 13.60 -24.14 10.80
N GLN A 410 13.44 -25.06 11.75
CA GLN A 410 14.62 -25.76 12.26
C GLN A 410 15.19 -26.73 11.22
N LYS A 411 14.36 -27.60 10.67
CA LYS A 411 14.74 -28.45 9.55
C LYS A 411 13.87 -28.06 8.35
N PHE A 412 14.52 -27.74 7.23
CA PHE A 412 13.83 -27.12 6.09
C PHE A 412 12.65 -27.97 5.61
N PHE A 413 12.78 -29.29 5.64
CA PHE A 413 11.79 -30.19 5.07
C PHE A 413 10.93 -30.88 6.13
N ALA A 414 10.99 -30.44 7.38
CA ALA A 414 10.16 -31.03 8.44
C ALA A 414 9.30 -29.96 9.12
N PRO A 419 3.74 -24.33 14.23
CA PRO A 419 3.06 -23.20 13.58
C PRO A 419 3.67 -22.89 12.22
N MET A 420 2.84 -22.79 11.18
CA MET A 420 3.35 -22.43 9.85
C MET A 420 3.82 -20.96 9.76
N ALA A 421 3.89 -20.21 10.86
CA ALA A 421 4.53 -18.89 10.91
C ALA A 421 6.05 -18.98 10.95
N THR A 422 6.60 -20.06 10.41
CA THR A 422 8.02 -20.36 10.50
C THR A 422 8.61 -20.32 9.10
N PHE A 423 9.67 -19.54 8.93
CA PHE A 423 10.12 -19.35 7.55
C PHE A 423 11.18 -20.38 7.18
N PRO A 424 11.08 -21.00 6.01
CA PRO A 424 12.02 -22.05 5.61
C PRO A 424 13.34 -21.53 5.05
N VAL A 425 14.22 -21.09 5.93
CA VAL A 425 15.58 -20.70 5.53
C VAL A 425 16.32 -21.92 5.00
N PRO A 426 16.89 -21.87 3.79
CA PRO A 426 17.39 -23.10 3.17
C PRO A 426 18.82 -23.49 3.50
N TYR A 427 19.55 -22.68 4.25
CA TYR A 427 20.92 -23.01 4.63
C TYR A 427 21.07 -22.81 6.12
N ASP A 428 22.24 -23.22 6.63
CA ASP A 428 22.43 -23.34 8.07
C ASP A 428 22.77 -22.01 8.72
N LEU A 429 22.29 -21.84 9.95
CA LEU A 429 22.60 -20.70 10.79
C LEU A 429 23.14 -21.19 12.13
N PRO A 430 24.10 -20.48 12.73
CA PRO A 430 24.77 -19.29 12.17
C PRO A 430 25.71 -19.69 11.04
N PRO A 431 26.02 -18.76 10.15
CA PRO A 431 26.99 -19.07 9.10
C PRO A 431 28.38 -19.24 9.69
N GLU A 432 29.18 -20.10 9.07
CA GLU A 432 30.51 -20.46 9.55
C GLU A 432 31.58 -19.70 8.77
N LEU A 433 32.45 -18.98 9.47
CA LEU A 433 33.50 -18.22 8.83
C LEU A 433 34.46 -19.15 8.09
N TYR A 434 34.96 -18.68 6.94
CA TYR A 434 36.07 -19.38 6.29
C TYR A 434 37.17 -19.67 7.30
N GLY A 435 37.79 -20.84 7.14
CA GLY A 435 39.00 -21.13 7.87
C GLY A 435 40.19 -20.37 7.30
N SER A 436 41.28 -20.35 8.08
CA SER A 436 42.44 -19.58 7.69
C SER A 436 43.01 -20.01 6.35
N LYS A 437 42.83 -21.27 5.97
CA LYS A 437 43.35 -21.79 4.71
C LYS A 437 42.31 -21.82 3.60
N ASP A 438 41.08 -21.41 3.88
CA ASP A 438 40.05 -21.34 2.86
C ASP A 438 40.25 -20.11 1.99
N ARG A 439 39.80 -20.21 0.74
CA ARG A 439 39.84 -19.12 -0.22
C ARG A 439 38.50 -19.08 -0.94
N PRO A 440 38.06 -17.91 -1.36
CA PRO A 440 36.82 -17.85 -2.13
C PRO A 440 36.99 -18.55 -3.46
N TRP A 441 35.92 -19.18 -3.94
CA TRP A 441 35.97 -19.74 -5.28
C TRP A 441 36.19 -18.63 -6.29
N ILE A 442 37.26 -18.75 -7.09
CA ILE A 442 37.58 -17.83 -8.17
C ILE A 442 37.61 -18.66 -9.43
N TRP A 443 36.77 -18.31 -10.41
CA TRP A 443 36.44 -19.27 -11.45
C TRP A 443 37.49 -19.38 -12.56
N ASN A 444 38.36 -18.40 -12.71
CA ASN A 444 39.25 -18.34 -13.86
C ASN A 444 40.73 -18.51 -13.52
N ILE A 445 41.01 -19.23 -12.43
CA ILE A 445 42.36 -19.68 -12.12
C ILE A 445 42.32 -21.19 -11.98
N PRO A 446 43.45 -21.87 -12.17
CA PRO A 446 43.45 -23.33 -12.09
C PRO A 446 43.48 -23.85 -10.66
N TYR A 447 42.90 -25.03 -10.48
CA TYR A 447 42.98 -25.80 -9.23
C TYR A 447 43.48 -27.20 -9.61
N VAL A 448 44.78 -27.43 -9.38
CA VAL A 448 45.46 -28.62 -9.88
C VAL A 448 46.16 -29.42 -8.80
N LYS A 449 46.07 -29.03 -7.53
CA LYS A 449 46.79 -29.77 -6.51
C LYS A 449 45.92 -30.76 -5.75
N ALA A 450 44.59 -30.70 -5.90
CA ALA A 450 43.69 -31.63 -5.24
C ALA A 450 42.54 -31.95 -6.19
N PRO A 451 42.31 -33.22 -6.51
CA PRO A 451 41.20 -33.56 -7.40
C PRO A 451 39.87 -33.36 -6.69
N ASP A 452 38.83 -33.21 -7.51
CA ASP A 452 37.48 -32.98 -7.01
C ASP A 452 36.74 -34.30 -6.80
N THR A 453 35.43 -34.19 -6.53
CA THR A 453 34.55 -35.34 -6.36
C THR A 453 34.67 -36.37 -7.47
N HIS A 454 34.93 -35.94 -8.70
CA HIS A 454 34.97 -36.83 -9.86
C HIS A 454 36.39 -37.14 -10.29
N GLY A 455 37.38 -36.85 -9.45
CA GLY A 455 38.75 -37.17 -9.78
C GLY A 455 39.41 -36.23 -10.75
N ASN A 456 38.86 -35.04 -10.96
CA ASN A 456 39.30 -34.11 -11.98
C ASN A 456 39.94 -32.87 -11.38
N MET A 457 40.76 -32.21 -12.19
N MET A 457 40.76 -32.22 -12.20
CA MET A 457 41.30 -30.89 -11.88
CA MET A 457 41.30 -30.90 -11.91
C MET A 457 40.53 -29.83 -12.68
C MET A 457 40.49 -29.84 -12.65
N TRP A 458 40.74 -28.57 -12.32
CA TRP A 458 40.07 -27.44 -12.94
C TRP A 458 41.11 -26.59 -13.64
N VAL A 459 40.99 -26.47 -14.96
CA VAL A 459 41.92 -25.67 -15.76
C VAL A 459 41.11 -24.85 -16.76
N PRO A 460 40.78 -23.59 -16.44
CA PRO A 460 39.91 -22.74 -17.26
C PRO A 460 40.63 -22.06 -18.43
N ASN B 15 -23.24 -1.40 -6.41
CA ASN B 15 -22.30 -0.31 -6.63
C ASN B 15 -21.07 -0.48 -5.75
N PRO B 16 -19.90 -0.15 -6.28
CA PRO B 16 -18.68 -0.33 -5.49
C PRO B 16 -18.50 0.71 -4.40
N PHE B 17 -19.21 1.84 -4.47
CA PHE B 17 -18.81 2.96 -3.64
C PHE B 17 -19.38 2.94 -2.23
N GLN B 18 -20.61 2.47 -2.04
CA GLN B 18 -21.19 2.39 -0.70
C GLN B 18 -21.21 3.75 -0.01
N PHE B 19 -21.53 4.77 -0.79
CA PHE B 19 -21.71 6.13 -0.32
C PHE B 19 -23.21 6.42 -0.33
N TYR B 20 -23.74 6.82 0.81
CA TYR B 20 -25.17 7.02 1.01
C TYR B 20 -25.44 8.40 1.59
N LEU B 21 -26.66 8.88 1.37
CA LEU B 21 -27.18 10.03 2.09
C LEU B 21 -28.14 9.54 3.16
N THR B 22 -28.32 10.36 4.20
CA THR B 22 -29.33 10.07 5.20
C THR B 22 -30.73 10.36 4.64
N ARG B 23 -31.73 9.72 5.24
CA ARG B 23 -33.12 9.95 4.85
C ARG B 23 -33.54 11.38 5.21
N VAL B 24 -34.33 11.99 4.33
CA VAL B 24 -34.86 13.35 4.56
C VAL B 24 -36.37 13.26 4.65
N SER B 25 -36.92 13.69 5.79
N SER B 25 -36.91 13.68 5.79
CA SER B 25 -38.36 13.70 5.97
CA SER B 25 -38.36 13.73 5.97
C SER B 25 -38.96 14.86 5.16
C SER B 25 -38.94 14.87 5.15
N GLY B 26 -39.87 14.53 4.26
CA GLY B 26 -40.59 15.53 3.47
C GLY B 26 -40.32 15.50 1.99
N VAL B 27 -39.29 14.81 1.54
CA VAL B 27 -39.07 14.64 0.11
C VAL B 27 -39.85 13.43 -0.38
N LYS B 28 -40.05 13.36 -1.68
CA LYS B 28 -40.79 12.24 -2.26
C LYS B 28 -40.02 10.94 -2.04
N PRO B 29 -40.71 9.80 -1.95
CA PRO B 29 -40.03 8.53 -1.69
C PRO B 29 -38.90 8.22 -2.66
N LYS B 30 -39.01 8.68 -3.92
CA LYS B 30 -37.95 8.46 -4.90
C LYS B 30 -36.61 8.98 -4.40
N TYR B 31 -36.61 10.04 -3.60
CA TYR B 31 -35.38 10.63 -3.10
C TYR B 31 -34.90 10.02 -1.78
N ASN B 32 -35.63 9.06 -1.22
CA ASN B 32 -35.17 8.33 -0.06
C ASN B 32 -34.94 6.85 -0.33
N SER B 33 -35.24 6.37 -1.54
CA SER B 33 -35.24 4.94 -1.78
C SER B 33 -33.86 4.33 -1.51
N GLY B 34 -32.80 5.03 -1.87
CA GLY B 34 -31.47 4.52 -1.59
C GLY B 34 -30.77 5.19 -0.43
N ALA B 35 -31.52 5.88 0.42
CA ALA B 35 -30.96 6.61 1.57
C ALA B 35 -31.03 5.72 2.81
N LEU B 36 -30.27 6.10 3.85
CA LEU B 36 -30.22 5.32 5.07
C LEU B 36 -30.52 6.19 6.28
N HIS B 37 -31.44 5.74 7.11
CA HIS B 37 -31.62 6.31 8.44
C HIS B 37 -30.77 5.54 9.44
N ILE B 38 -30.51 6.17 10.60
CA ILE B 38 -29.70 5.50 11.62
C ILE B 38 -30.32 4.17 12.04
N LYS B 39 -31.65 4.08 12.06
CA LYS B 39 -32.29 2.80 12.41
C LYS B 39 -32.00 1.73 11.37
N ASP B 40 -31.84 2.10 10.10
CA ASP B 40 -31.43 1.13 9.08
C ASP B 40 -30.02 0.63 9.33
N ILE B 41 -29.09 1.55 9.67
CA ILE B 41 -27.69 1.16 9.90
C ILE B 41 -27.57 0.17 11.05
N LEU B 42 -28.35 0.37 12.11
CA LEU B 42 -28.22 -0.45 13.32
C LEU B 42 -29.14 -1.67 13.28
N SER B 43 -29.90 -1.85 12.21
CA SER B 43 -30.89 -2.91 12.14
C SER B 43 -30.22 -4.29 12.20
N PRO B 44 -30.94 -5.31 12.68
N PRO B 44 -30.94 -5.31 12.69
CA PRO B 44 -30.38 -6.67 12.67
CA PRO B 44 -30.37 -6.66 12.67
C PRO B 44 -30.02 -7.16 11.28
C PRO B 44 -30.02 -7.16 11.27
N LEU B 45 -30.61 -6.57 10.23
CA LEU B 45 -30.26 -6.96 8.87
C LEU B 45 -28.81 -6.65 8.53
N PHE B 46 -28.20 -5.68 9.22
CA PHE B 46 -26.80 -5.34 9.00
C PHE B 46 -25.85 -6.22 9.80
N GLY B 47 -26.34 -6.95 10.78
CA GLY B 47 -25.50 -7.82 11.60
C GLY B 47 -26.11 -7.96 12.98
N THR B 48 -25.69 -9.02 13.69
CA THR B 48 -26.17 -9.30 15.04
C THR B 48 -25.22 -8.60 16.02
N LEU B 49 -25.65 -7.46 16.54
CA LEU B 49 -24.76 -6.59 17.32
C LEU B 49 -24.31 -7.25 18.61
N VAL B 50 -23.01 -7.14 18.89
CA VAL B 50 -22.43 -7.56 20.15
C VAL B 50 -21.97 -6.35 20.97
N SER B 51 -21.44 -5.33 20.31
N SER B 51 -21.44 -5.33 20.30
CA SER B 51 -21.02 -4.11 20.98
CA SER B 51 -20.87 -4.15 20.95
C SER B 51 -20.77 -3.06 19.91
C SER B 51 -20.71 -3.06 19.90
N SER B 52 -20.73 -1.81 20.34
CA SER B 52 -20.55 -0.71 19.40
C SER B 52 -19.79 0.45 20.04
N ALA B 53 -19.11 1.22 19.19
CA ALA B 53 -18.49 2.47 19.59
C ALA B 53 -19.07 3.57 18.71
N GLN B 54 -19.46 4.67 19.33
CA GLN B 54 -20.04 5.83 18.65
C GLN B 54 -19.11 7.01 18.89
N PHE B 55 -18.35 7.40 17.86
CA PHE B 55 -17.48 8.56 17.90
C PHE B 55 -18.31 9.72 17.40
N ASN B 56 -18.34 10.83 18.15
CA ASN B 56 -19.11 11.97 17.69
C ASN B 56 -18.75 13.24 18.43
N TYR B 57 -19.43 14.32 18.07
CA TYR B 57 -19.32 15.60 18.77
C TYR B 57 -20.44 15.79 19.79
N CYS B 58 -21.69 15.72 19.36
N CYS B 58 -21.69 15.70 19.33
CA CYS B 58 -22.75 15.87 20.34
CA CYS B 58 -22.89 15.94 20.12
C CYS B 58 -23.74 14.72 20.23
C CYS B 58 -23.74 14.66 20.19
N PHE B 59 -24.29 14.38 21.38
CA PHE B 59 -25.09 13.18 21.58
C PHE B 59 -26.36 13.54 22.33
N ASP B 60 -27.47 12.93 21.94
CA ASP B 60 -28.68 12.84 22.74
C ASP B 60 -28.79 11.36 23.07
N VAL B 61 -28.43 11.00 24.31
CA VAL B 61 -28.27 9.59 24.63
C VAL B 61 -29.62 8.87 24.63
N ASP B 62 -30.65 9.50 25.18
N ASP B 62 -30.65 9.51 25.18
CA ASP B 62 -31.98 8.90 25.16
CA ASP B 62 -31.99 8.91 25.17
C ASP B 62 -32.41 8.59 23.73
C ASP B 62 -32.43 8.60 23.75
N TRP B 63 -32.24 9.56 22.84
CA TRP B 63 -32.58 9.34 21.43
C TRP B 63 -31.72 8.24 20.83
N LEU B 64 -30.41 8.28 21.10
CA LEU B 64 -29.49 7.32 20.49
C LEU B 64 -29.85 5.88 20.85
N VAL B 65 -30.12 5.61 22.12
CA VAL B 65 -30.44 4.24 22.51
C VAL B 65 -31.71 3.77 21.82
N LYS B 66 -32.68 4.67 21.62
CA LYS B 66 -33.91 4.31 20.92
C LYS B 66 -33.67 3.97 19.45
N GLN B 67 -32.53 4.36 18.87
CA GLN B 67 -32.25 4.04 17.47
C GLN B 67 -31.73 2.62 17.30
N TYR B 68 -31.23 2.01 18.35
CA TYR B 68 -30.82 0.62 18.30
C TYR B 68 -32.06 -0.27 18.34
N PRO B 69 -32.04 -1.41 17.67
CA PRO B 69 -33.16 -2.36 17.77
C PRO B 69 -33.39 -2.73 19.23
N PRO B 70 -34.65 -2.91 19.65
CA PRO B 70 -34.91 -3.23 21.06
C PRO B 70 -34.07 -4.39 21.58
N GLU B 71 -33.87 -5.42 20.76
CA GLU B 71 -33.10 -6.58 21.19
C GLU B 71 -31.62 -6.28 21.41
N PHE B 72 -31.13 -5.16 20.90
CA PHE B 72 -29.71 -4.80 21.01
C PHE B 72 -29.46 -3.63 21.96
N ARG B 73 -30.50 -3.12 22.63
CA ARG B 73 -30.34 -1.86 23.38
C ARG B 73 -29.52 -1.99 24.64
N LYS B 74 -29.29 -3.20 25.13
CA LYS B 74 -28.47 -3.41 26.32
C LYS B 74 -27.06 -3.89 25.99
N LYS B 75 -26.72 -4.02 24.73
CA LYS B 75 -25.35 -4.35 24.37
C LYS B 75 -24.43 -3.17 24.68
N PRO B 76 -23.17 -3.43 25.02
CA PRO B 76 -22.26 -2.34 25.37
C PRO B 76 -22.14 -1.30 24.28
N ILE B 77 -22.15 -0.03 24.68
CA ILE B 77 -21.94 1.12 23.79
C ILE B 77 -20.87 1.98 24.43
N LEU B 78 -19.86 2.36 23.64
CA LEU B 78 -18.85 3.32 24.04
C LEU B 78 -19.10 4.63 23.31
N LEU B 79 -19.20 5.73 24.05
CA LEU B 79 -19.32 7.06 23.45
C LEU B 79 -17.97 7.73 23.51
N VAL B 80 -17.42 8.09 22.34
CA VAL B 80 -16.13 8.76 22.24
C VAL B 80 -16.41 10.22 21.90
N HIS B 81 -16.02 11.13 22.80
CA HIS B 81 -16.42 12.52 22.73
C HIS B 81 -15.22 13.36 23.15
N GLY B 82 -15.36 14.68 23.05
CA GLY B 82 -14.29 15.57 23.49
C GLY B 82 -14.68 16.57 24.58
N ASP B 83 -15.81 16.36 25.23
CA ASP B 83 -16.33 17.34 26.18
C ASP B 83 -15.48 17.41 27.45
N LYS B 84 -15.40 18.61 28.02
CA LYS B 84 -14.67 18.87 29.26
C LYS B 84 -15.61 19.56 30.24
N ARG B 85 -15.22 19.53 31.51
CA ARG B 85 -15.81 20.37 32.57
C ARG B 85 -17.32 20.15 32.62
N GLU B 86 -18.14 21.21 32.61
CA GLU B 86 -19.58 21.01 32.79
C GLU B 86 -20.21 20.28 31.63
N ALA B 87 -19.71 20.48 30.40
CA ALA B 87 -20.23 19.72 29.27
C ALA B 87 -19.97 18.23 29.45
N LYS B 88 -18.79 17.87 29.94
CA LYS B 88 -18.50 16.48 30.23
C LYS B 88 -19.46 15.94 31.29
N ALA B 89 -19.68 16.72 32.35
CA ALA B 89 -20.60 16.29 33.40
C ALA B 89 -22.01 16.09 32.85
N HIS B 90 -22.43 16.96 31.94
CA HIS B 90 -23.75 16.83 31.35
C HIS B 90 -23.86 15.53 30.54
N LEU B 91 -22.82 15.19 29.78
CA LEU B 91 -22.87 13.96 29.01
C LEU B 91 -22.89 12.73 29.91
N HIS B 92 -22.06 12.73 30.95
CA HIS B 92 -22.10 11.62 31.90
C HIS B 92 -23.48 11.48 32.52
N ALA B 93 -24.14 12.61 32.83
CA ALA B 93 -25.45 12.55 33.44
C ALA B 93 -26.49 11.96 32.48
N GLN B 94 -26.34 12.26 31.18
CA GLN B 94 -27.22 11.67 30.16
C GLN B 94 -27.07 10.16 30.09
N ALA B 95 -25.84 9.67 30.26
CA ALA B 95 -25.54 8.26 30.06
C ALA B 95 -25.76 7.43 31.31
N LYS B 96 -25.66 8.04 32.50
CA LYS B 96 -25.75 7.30 33.75
C LYS B 96 -26.96 6.38 33.88
N PRO B 97 -28.16 6.70 33.36
CA PRO B 97 -29.28 5.74 33.46
C PRO B 97 -29.04 4.43 32.72
N TYR B 98 -28.06 4.37 31.82
CA TYR B 98 -27.82 3.21 30.96
C TYR B 98 -26.52 2.55 31.41
N GLU B 99 -26.66 1.46 32.16
CA GLU B 99 -25.50 0.77 32.73
C GLU B 99 -24.55 0.23 31.66
N ASN B 100 -25.04 0.03 30.44
CA ASN B 100 -24.23 -0.54 29.36
C ASN B 100 -23.44 0.52 28.61
N ILE B 101 -23.55 1.80 28.95
CA ILE B 101 -22.86 2.86 28.24
C ILE B 101 -21.60 3.25 29.00
N SER B 102 -20.46 3.19 28.32
CA SER B 102 -19.19 3.72 28.78
C SER B 102 -18.79 4.93 27.94
N LEU B 103 -17.90 5.76 28.49
CA LEU B 103 -17.50 7.00 27.83
C LEU B 103 -15.98 7.05 27.75
N CYS B 104 -15.50 7.65 26.67
CA CYS B 104 -14.08 7.90 26.45
C CYS B 104 -13.93 9.37 26.08
N GLN B 105 -13.25 10.13 26.93
CA GLN B 105 -12.98 11.53 26.65
C GLN B 105 -11.68 11.62 25.85
N ALA B 106 -11.80 12.02 24.59
CA ALA B 106 -10.62 12.18 23.76
C ALA B 106 -9.84 13.41 24.21
N LYS B 107 -8.53 13.26 24.37
CA LYS B 107 -7.71 14.37 24.83
C LYS B 107 -7.63 15.45 23.76
N LEU B 108 -7.80 16.69 24.20
CA LEU B 108 -7.74 17.87 23.33
C LEU B 108 -6.76 18.81 24.01
N ASP B 109 -5.47 18.53 23.85
CA ASP B 109 -4.44 19.24 24.59
C ASP B 109 -3.94 20.49 23.89
N ILE B 110 -4.43 20.76 22.69
CA ILE B 110 -4.19 22.03 22.01
C ILE B 110 -5.47 22.85 22.09
N ALA B 111 -5.33 24.14 22.40
CA ALA B 111 -6.49 24.99 22.60
C ALA B 111 -7.37 25.04 21.37
N PHE B 112 -8.68 25.21 21.59
CA PHE B 112 -9.67 25.44 20.55
C PHE B 112 -9.84 24.23 19.62
N GLY B 113 -9.56 23.04 20.12
CA GLY B 113 -9.80 21.84 19.34
C GLY B 113 -11.14 21.21 19.65
N THR B 114 -11.59 20.35 18.74
CA THR B 114 -12.88 19.69 18.86
C THR B 114 -12.70 18.22 18.50
N HIS B 115 -13.47 17.35 19.17
CA HIS B 115 -13.59 15.97 18.72
C HIS B 115 -14.74 15.92 17.72
N HIS B 116 -14.41 16.11 16.44
N HIS B 116 -14.39 16.00 16.43
CA HIS B 116 -15.43 16.23 15.40
CA HIS B 116 -15.37 16.23 15.38
C HIS B 116 -15.81 14.89 14.79
C HIS B 116 -15.65 15.00 14.54
N THR B 117 -14.85 13.96 14.68
CA THR B 117 -15.04 12.69 13.96
C THR B 117 -16.37 12.04 14.27
N LYS B 118 -17.05 11.58 13.20
CA LYS B 118 -18.31 10.86 13.30
C LYS B 118 -18.09 9.46 12.71
N MET B 119 -18.08 8.45 13.57
CA MET B 119 -17.75 7.09 13.16
C MET B 119 -18.49 6.13 14.07
N MET B 120 -18.98 5.04 13.49
CA MET B 120 -19.49 3.90 14.24
C MET B 120 -18.58 2.70 14.02
N LEU B 121 -18.20 2.04 15.10
CA LEU B 121 -17.60 0.71 15.02
C LEU B 121 -18.66 -0.26 15.53
N LEU B 122 -19.03 -1.23 14.70
CA LEU B 122 -20.13 -2.13 14.96
C LEU B 122 -19.58 -3.55 14.95
N LEU B 123 -19.48 -4.16 16.13
CA LEU B 123 -18.99 -5.53 16.25
C LEU B 123 -20.18 -6.47 16.28
N TYR B 124 -20.16 -7.47 15.40
CA TYR B 124 -21.27 -8.39 15.27
C TYR B 124 -20.80 -9.81 15.56
N GLU B 125 -21.78 -10.70 15.72
CA GLU B 125 -21.47 -12.12 15.75
C GLU B 125 -20.81 -12.59 14.46
N GLU B 126 -21.16 -11.94 13.35
CA GLU B 126 -20.75 -12.34 12.01
C GLU B 126 -19.51 -11.61 11.50
N GLY B 127 -19.05 -10.58 12.21
CA GLY B 127 -17.91 -9.82 11.70
C GLY B 127 -17.91 -8.43 12.31
N LEU B 128 -17.34 -7.48 11.56
CA LEU B 128 -17.17 -6.11 12.02
C LEU B 128 -17.54 -5.16 10.89
N ARG B 129 -18.16 -4.04 11.22
CA ARG B 129 -18.44 -3.00 10.24
C ARG B 129 -17.95 -1.66 10.76
N VAL B 130 -17.45 -0.83 9.84
CA VAL B 130 -17.04 0.53 10.14
C VAL B 130 -17.93 1.46 9.33
N VAL B 131 -18.45 2.50 9.97
CA VAL B 131 -19.32 3.50 9.34
C VAL B 131 -18.67 4.85 9.59
N ILE B 132 -18.30 5.56 8.54
CA ILE B 132 -17.73 6.89 8.68
C ILE B 132 -18.71 7.85 8.04
N HIS B 133 -19.17 8.85 8.79
CA HIS B 133 -20.33 9.61 8.37
C HIS B 133 -20.20 11.05 8.86
N THR B 134 -21.28 11.84 8.69
CA THR B 134 -21.20 13.26 8.99
C THR B 134 -22.20 13.76 10.04
N SER B 135 -23.04 12.91 10.60
CA SER B 135 -24.16 13.35 11.43
C SER B 135 -23.86 13.24 12.92
N ASN B 136 -24.24 14.28 13.67
CA ASN B 136 -24.29 14.16 15.13
C ASN B 136 -25.38 13.18 15.53
N LEU B 137 -25.30 12.70 16.77
CA LEU B 137 -26.25 11.69 17.26
C LEU B 137 -27.41 12.37 18.01
N ILE B 138 -28.13 13.19 17.25
CA ILE B 138 -29.30 13.92 17.70
C ILE B 138 -30.33 13.85 16.58
N HIS B 139 -31.61 13.93 16.97
CA HIS B 139 -32.71 13.78 16.02
C HIS B 139 -32.59 14.73 14.83
N ALA B 140 -32.28 16.00 15.10
CA ALA B 140 -32.29 17.00 14.02
C ALA B 140 -31.25 16.70 12.94
N ASP B 141 -30.15 16.05 13.28
CA ASP B 141 -29.14 15.80 12.26
C ASP B 141 -29.56 14.73 11.25
N TRP B 142 -30.56 13.92 11.58
CA TRP B 142 -30.99 12.83 10.70
C TRP B 142 -32.38 13.11 10.13
N HIS B 143 -32.91 14.30 10.36
CA HIS B 143 -34.30 14.59 10.05
C HIS B 143 -34.44 15.24 8.68
N GLN B 144 -33.92 16.48 8.50
CA GLN B 144 -34.11 17.19 7.23
C GLN B 144 -32.81 17.79 6.71
N LYS B 145 -31.67 17.17 7.00
CA LYS B 145 -30.38 17.65 6.51
C LYS B 145 -29.84 16.73 5.43
N THR B 146 -28.94 17.28 4.61
CA THR B 146 -28.15 16.46 3.71
C THR B 146 -26.91 16.02 4.48
N GLN B 147 -26.76 14.72 4.69
CA GLN B 147 -25.64 14.13 5.42
C GLN B 147 -25.12 12.95 4.61
N GLY B 148 -23.83 12.63 4.78
CA GLY B 148 -23.19 11.56 4.04
C GLY B 148 -22.75 10.41 4.93
N ILE B 149 -22.76 9.20 4.35
CA ILE B 149 -22.39 7.96 5.05
C ILE B 149 -21.55 7.11 4.12
N TRP B 150 -20.42 6.61 4.62
CA TRP B 150 -19.71 5.50 3.98
C TRP B 150 -19.90 4.26 4.83
N LEU B 151 -20.37 3.18 4.22
CA LEU B 151 -20.57 1.90 4.90
C LEU B 151 -19.48 0.95 4.44
N SER B 152 -18.69 0.44 5.38
CA SER B 152 -17.71 -0.58 5.04
C SER B 152 -18.43 -1.88 4.69
N PRO B 153 -17.73 -2.80 4.02
CA PRO B 153 -18.21 -4.17 3.90
C PRO B 153 -18.29 -4.81 5.28
N LEU B 154 -18.99 -5.94 5.35
CA LEU B 154 -18.91 -6.78 6.53
C LEU B 154 -17.55 -7.45 6.54
N TYR B 155 -16.71 -7.11 7.52
CA TYR B 155 -15.39 -7.68 7.59
C TYR B 155 -15.42 -8.98 8.38
N PRO B 156 -15.02 -10.12 7.81
CA PRO B 156 -15.05 -11.36 8.58
C PRO B 156 -13.90 -11.42 9.57
N ARG B 157 -14.09 -12.26 10.58
CA ARG B 157 -13.04 -12.49 11.57
C ARG B 157 -11.98 -13.41 10.98
N ILE B 158 -10.72 -13.13 11.30
CA ILE B 158 -9.62 -14.02 10.97
C ILE B 158 -9.62 -15.17 11.97
N ALA B 159 -9.50 -16.39 11.46
CA ALA B 159 -9.54 -17.57 12.32
C ALA B 159 -8.43 -17.55 13.36
N ASP B 160 -8.75 -18.00 14.57
CA ASP B 160 -7.76 -18.13 15.62
C ASP B 160 -6.64 -19.06 15.17
N GLY B 161 -5.40 -18.63 15.35
CA GLY B 161 -4.25 -19.38 14.90
C GLY B 161 -3.81 -19.09 13.47
N THR B 162 -4.68 -18.51 12.65
CA THR B 162 -4.31 -18.10 11.30
C THR B 162 -3.55 -16.78 11.34
N HIS B 163 -2.46 -16.72 10.58
CA HIS B 163 -1.65 -15.49 10.50
C HIS B 163 -1.80 -14.89 9.11
N LYS B 164 -2.59 -13.82 9.04
CA LYS B 164 -2.74 -13.03 7.82
C LYS B 164 -2.80 -11.57 8.22
N SER B 165 -2.50 -10.69 7.28
CA SER B 165 -2.55 -9.28 7.64
C SER B 165 -3.98 -8.78 7.73
N GLY B 166 -4.87 -9.29 6.87
CA GLY B 166 -6.18 -8.67 6.75
C GLY B 166 -6.15 -7.27 6.19
N GLU B 167 -5.07 -6.90 5.50
CA GLU B 167 -4.88 -5.54 5.02
C GLU B 167 -5.40 -5.37 3.59
N SER B 168 -5.86 -4.16 3.30
N SER B 168 -5.86 -4.16 3.30
CA SER B 168 -6.37 -3.83 1.97
CA SER B 168 -6.36 -3.81 1.97
C SER B 168 -5.28 -3.12 1.16
C SER B 168 -5.27 -3.14 1.15
N PRO B 169 -5.45 -3.04 -0.16
CA PRO B 169 -4.48 -2.28 -0.97
C PRO B 169 -4.41 -0.81 -0.61
N THR B 170 -5.44 -0.28 0.06
CA THR B 170 -5.41 1.12 0.49
C THR B 170 -4.84 1.29 1.89
N HIS B 171 -4.37 0.22 2.53
CA HIS B 171 -3.76 0.28 3.86
C HIS B 171 -4.76 0.70 4.93
N PHE B 172 -6.06 0.50 4.68
CA PHE B 172 -7.10 1.02 5.57
C PHE B 172 -7.00 0.44 6.98
N LYS B 173 -6.66 -0.85 7.11
CA LYS B 173 -6.64 -1.46 8.43
C LYS B 173 -5.58 -0.83 9.32
N ALA B 174 -4.34 -0.77 8.83
CA ALA B 174 -3.28 -0.13 9.60
C ALA B 174 -3.58 1.34 9.83
N ASP B 175 -4.16 2.01 8.85
CA ASP B 175 -4.42 3.43 8.99
C ASP B 175 -5.50 3.71 10.03
N LEU B 176 -6.54 2.87 10.06
CA LEU B 176 -7.56 3.01 11.11
C LEU B 176 -6.99 2.72 12.49
N ILE B 177 -6.16 1.66 12.61
CA ILE B 177 -5.51 1.41 13.88
C ILE B 177 -4.64 2.59 14.31
N SER B 178 -3.91 3.18 13.36
N SER B 178 -3.92 3.19 13.36
CA SER B 178 -3.07 4.34 13.67
CA SER B 178 -3.08 4.34 13.69
C SER B 178 -3.90 5.51 14.17
C SER B 178 -3.91 5.51 14.17
N TYR B 179 -5.05 5.77 13.52
CA TYR B 179 -5.95 6.81 13.97
C TYR B 179 -6.40 6.56 15.41
N LEU B 180 -6.79 5.32 15.72
CA LEU B 180 -7.25 5.01 17.06
C LEU B 180 -6.11 5.06 18.07
N MET B 181 -4.90 4.66 17.68
N MET B 181 -4.90 4.65 17.67
CA MET B 181 -3.78 4.68 18.62
CA MET B 181 -3.75 4.67 18.57
C MET B 181 -3.47 6.09 19.09
C MET B 181 -3.47 6.08 19.07
N ALA B 182 -3.76 7.10 18.26
CA ALA B 182 -3.46 8.47 18.63
C ALA B 182 -4.24 8.93 19.86
N TYR B 183 -5.37 8.29 20.18
CA TYR B 183 -6.14 8.68 21.35
C TYR B 183 -5.45 8.27 22.64
N ASN B 184 -4.61 7.23 22.60
N ASN B 184 -4.60 7.25 22.61
CA ASN B 184 -3.94 6.75 23.80
CA ASN B 184 -3.94 6.73 23.81
C ASN B 184 -4.94 6.37 24.89
C ASN B 184 -4.96 6.39 24.89
N ALA B 185 -6.04 5.72 24.48
CA ALA B 185 -7.17 5.45 25.38
C ALA B 185 -7.38 3.96 25.58
N PRO B 186 -7.56 3.49 26.81
CA PRO B 186 -7.72 2.03 27.00
C PRO B 186 -8.95 1.47 26.34
N SER B 187 -10.07 2.20 26.34
CA SER B 187 -11.27 1.67 25.70
C SER B 187 -11.08 1.52 24.20
N LEU B 188 -10.21 2.34 23.62
CA LEU B 188 -9.96 2.24 22.20
C LEU B 188 -8.88 1.23 21.86
N LYS B 189 -7.97 0.94 22.79
CA LYS B 189 -7.07 -0.20 22.56
C LYS B 189 -7.88 -1.49 22.44
N GLU B 190 -9.00 -1.60 23.17
CA GLU B 190 -9.85 -2.79 23.02
C GLU B 190 -10.40 -2.88 21.60
N TRP B 191 -10.81 -1.74 21.03
CA TRP B 191 -11.31 -1.74 19.66
C TRP B 191 -10.19 -1.99 18.65
N ILE B 192 -8.98 -1.49 18.93
CA ILE B 192 -7.82 -1.84 18.11
C ILE B 192 -7.62 -3.34 18.06
N ASP B 193 -7.75 -4.01 19.20
CA ASP B 193 -7.56 -5.45 19.22
C ASP B 193 -8.66 -6.16 18.44
N VAL B 194 -9.89 -5.64 18.49
CA VAL B 194 -10.97 -6.17 17.67
C VAL B 194 -10.62 -6.05 16.18
N ILE B 195 -10.17 -4.87 15.76
CA ILE B 195 -9.84 -4.65 14.36
C ILE B 195 -8.72 -5.57 13.92
N HIS B 196 -7.69 -5.76 14.77
CA HIS B 196 -6.59 -6.67 14.44
C HIS B 196 -7.11 -8.06 14.08
N LYS B 197 -8.17 -8.50 14.75
CA LYS B 197 -8.67 -9.85 14.54
C LYS B 197 -9.60 -9.97 13.33
N HIS B 198 -9.82 -8.89 12.57
CA HIS B 198 -10.71 -8.94 11.42
C HIS B 198 -9.97 -8.71 10.09
N ASP B 199 -10.58 -9.18 9.02
CA ASP B 199 -10.03 -9.09 7.67
C ASP B 199 -10.69 -7.91 6.96
N LEU B 200 -9.94 -6.83 6.79
CA LEU B 200 -10.41 -5.60 6.15
C LEU B 200 -9.90 -5.46 4.72
N SER B 201 -9.46 -6.56 4.11
CA SER B 201 -8.78 -6.49 2.81
C SER B 201 -9.68 -6.02 1.67
N GLU B 202 -11.00 -6.14 1.80
CA GLU B 202 -11.88 -5.71 0.71
C GLU B 202 -12.05 -4.19 0.66
N THR B 203 -11.47 -3.44 1.58
CA THR B 203 -11.69 -1.99 1.64
C THR B 203 -11.03 -1.29 0.46
N ASN B 204 -11.81 -0.44 -0.23
N ASN B 204 -11.79 -0.45 -0.25
CA ASN B 204 -11.36 0.23 -1.44
CA ASN B 204 -11.25 0.23 -1.42
C ASN B 204 -11.21 1.74 -1.27
C ASN B 204 -11.34 1.75 -1.29
N VAL B 205 -11.38 2.25 -0.06
CA VAL B 205 -11.22 3.67 0.23
C VAL B 205 -9.97 3.88 1.07
N TYR B 206 -9.41 5.10 0.98
CA TYR B 206 -8.29 5.52 1.83
C TYR B 206 -8.83 6.34 2.99
N LEU B 207 -8.27 6.09 4.18
CA LEU B 207 -8.64 6.87 5.35
C LEU B 207 -7.87 8.18 5.38
N ILE B 208 -8.56 9.28 5.63
CA ILE B 208 -7.91 10.57 5.87
C ILE B 208 -8.37 11.09 7.21
N GLY B 209 -7.47 11.07 8.19
CA GLY B 209 -7.80 11.55 9.52
C GLY B 209 -7.02 12.76 9.91
N SER B 210 -7.54 13.45 10.92
CA SER B 210 -6.83 14.50 11.63
C SER B 210 -6.84 14.11 13.09
N THR B 211 -5.74 14.35 13.78
N THR B 211 -5.72 14.32 13.77
CA THR B 211 -5.65 14.16 15.23
CA THR B 211 -5.66 14.16 15.22
C THR B 211 -4.83 15.32 15.77
C THR B 211 -4.85 15.34 15.76
N PRO B 212 -5.09 15.76 17.00
CA PRO B 212 -4.39 16.95 17.51
C PRO B 212 -2.90 16.68 17.67
N GLY B 213 -2.11 17.66 17.28
CA GLY B 213 -0.69 17.54 17.51
C GLY B 213 0.12 18.48 16.65
N ARG B 214 1.44 18.32 16.76
N ARG B 214 1.43 18.34 16.78
CA ARG B 214 2.40 19.10 15.98
CA ARG B 214 2.40 19.08 15.98
C ARG B 214 3.32 18.09 15.30
C ARG B 214 3.30 18.05 15.31
N PHE B 215 3.16 17.91 13.99
CA PHE B 215 3.76 16.81 13.26
C PHE B 215 4.91 17.28 12.38
N GLN B 216 6.07 16.66 12.56
CA GLN B 216 7.28 17.00 11.84
C GLN B 216 7.80 15.77 11.12
N GLY B 217 8.70 16.00 10.16
CA GLY B 217 9.41 14.90 9.54
C GLY B 217 8.47 13.94 8.84
N SER B 218 8.67 12.65 9.10
CA SER B 218 7.84 11.63 8.46
C SER B 218 6.38 11.77 8.88
N GLN B 219 6.14 12.08 10.15
CA GLN B 219 4.78 12.18 10.64
C GLN B 219 3.98 13.29 9.97
N LYS B 220 4.63 14.21 9.25
CA LYS B 220 3.92 15.31 8.62
C LYS B 220 2.86 14.83 7.64
N ASP B 221 3.10 13.71 6.96
CA ASP B 221 2.19 13.19 5.94
C ASP B 221 1.08 12.32 6.53
N ASN B 222 1.04 12.13 7.85
CA ASN B 222 0.07 11.21 8.44
C ASN B 222 -1.33 11.78 8.49
N TRP B 223 -1.49 13.11 8.55
CA TRP B 223 -2.77 13.68 8.95
C TRP B 223 -3.11 14.91 8.11
N GLY B 224 -4.41 15.24 8.11
CA GLY B 224 -4.85 16.52 7.60
C GLY B 224 -4.57 16.71 6.13
N HIS B 225 -4.32 17.97 5.75
CA HIS B 225 -4.18 18.23 4.32
C HIS B 225 -2.91 17.64 3.74
N PHE B 226 -1.87 17.41 4.56
CA PHE B 226 -0.68 16.73 4.08
C PHE B 226 -0.94 15.24 3.82
N ARG B 227 -1.85 14.63 4.58
CA ARG B 227 -2.24 13.25 4.28
C ARG B 227 -2.92 13.19 2.92
N LEU B 228 -3.86 14.10 2.68
CA LEU B 228 -4.50 14.15 1.36
C LEU B 228 -3.47 14.35 0.26
N LYS B 229 -2.58 15.32 0.45
CA LYS B 229 -1.53 15.59 -0.55
C LYS B 229 -0.70 14.34 -0.83
N LYS B 230 -0.33 13.60 0.21
CA LYS B 230 0.51 12.41 0.01
C LYS B 230 -0.23 11.35 -0.80
N LEU B 231 -1.51 11.12 -0.49
CA LEU B 231 -2.29 10.13 -1.22
C LEU B 231 -2.48 10.52 -2.68
N LEU B 232 -2.69 11.81 -2.94
CA LEU B 232 -2.86 12.27 -4.31
C LEU B 232 -1.55 12.19 -5.10
N LYS B 233 -0.42 12.42 -4.42
CA LYS B 233 0.88 12.27 -5.08
C LYS B 233 1.13 10.81 -5.44
N ASP B 234 0.80 9.89 -4.53
CA ASP B 234 1.17 8.48 -4.68
C ASP B 234 0.17 7.68 -5.50
N HIS B 235 -1.10 8.08 -5.54
CA HIS B 235 -2.15 7.21 -6.08
C HIS B 235 -3.07 7.91 -7.07
N ALA B 236 -2.73 9.12 -7.49
CA ALA B 236 -3.43 9.78 -8.58
C ALA B 236 -2.39 10.16 -9.65
N SER B 237 -2.88 10.40 -10.86
CA SER B 237 -2.02 10.80 -11.96
C SER B 237 -2.45 12.16 -12.45
N SER B 238 -1.47 12.96 -12.87
CA SER B 238 -1.78 14.24 -13.46
C SER B 238 -2.13 14.04 -14.93
N MET B 239 -3.09 14.81 -15.41
CA MET B 239 -3.51 14.77 -16.79
C MET B 239 -3.12 16.07 -17.49
N PRO B 240 -3.08 16.08 -18.82
CA PRO B 240 -2.88 17.35 -19.51
C PRO B 240 -4.01 18.30 -19.14
N ASN B 241 -3.69 19.59 -19.11
CA ASN B 241 -4.69 20.61 -18.78
C ASN B 241 -5.20 20.45 -17.34
N ALA B 242 -4.38 19.83 -16.47
CA ALA B 242 -4.77 19.67 -15.08
C ALA B 242 -5.06 21.00 -14.40
N GLU B 243 -4.40 22.07 -14.84
CA GLU B 243 -4.64 23.39 -14.28
C GLU B 243 -6.06 23.88 -14.54
N SER B 244 -6.78 23.25 -15.47
CA SER B 244 -8.17 23.60 -15.74
C SER B 244 -9.16 22.77 -14.93
N TRP B 245 -8.72 21.74 -14.22
CA TRP B 245 -9.64 20.94 -13.42
C TRP B 245 -9.86 21.65 -12.08
N PRO B 246 -11.08 22.10 -11.79
CA PRO B 246 -11.30 22.85 -10.54
C PRO B 246 -11.14 21.98 -9.30
N VAL B 247 -11.06 22.67 -8.16
CA VAL B 247 -11.23 22.08 -6.84
C VAL B 247 -12.57 22.56 -6.29
N VAL B 248 -13.35 21.65 -5.71
CA VAL B 248 -14.61 21.97 -5.07
C VAL B 248 -14.54 21.56 -3.60
N GLY B 249 -14.86 22.48 -2.70
CA GLY B 249 -15.00 22.19 -1.28
C GLY B 249 -16.39 22.59 -0.83
N GLN B 250 -16.97 21.81 0.07
CA GLN B 250 -18.37 21.95 0.44
C GLN B 250 -18.48 21.57 1.92
N PHE B 251 -19.05 22.46 2.74
CA PHE B 251 -18.87 22.33 4.19
C PHE B 251 -20.01 23.06 4.90
N SER B 252 -20.07 22.87 6.23
CA SER B 252 -21.11 23.48 7.04
C SER B 252 -20.59 24.53 8.01
N SER B 253 -19.30 24.79 8.03
CA SER B 253 -18.74 25.72 9.00
C SER B 253 -17.44 26.26 8.42
N VAL B 254 -17.10 27.48 8.84
CA VAL B 254 -15.97 28.22 8.31
C VAL B 254 -15.21 28.79 9.51
N GLY B 255 -13.91 28.50 9.57
CA GLY B 255 -13.06 29.06 10.60
C GLY B 255 -12.37 30.33 10.13
N SER B 256 -11.51 30.85 11.00
N SER B 256 -11.52 30.86 11.01
CA SER B 256 -10.72 32.04 10.67
CA SER B 256 -10.70 32.03 10.67
C SER B 256 -9.55 31.62 9.78
C SER B 256 -9.57 31.59 9.76
N LEU B 257 -9.55 32.11 8.54
CA LEU B 257 -8.57 31.69 7.55
C LEU B 257 -7.45 32.70 7.33
N GLY B 258 -7.54 33.89 7.89
CA GLY B 258 -6.52 34.90 7.70
C GLY B 258 -7.04 36.09 6.92
N ALA B 259 -6.18 37.10 6.83
CA ALA B 259 -6.56 38.40 6.26
C ALA B 259 -6.64 38.39 4.74
N ASP B 260 -6.11 37.37 4.07
CA ASP B 260 -6.24 37.25 2.63
C ASP B 260 -6.03 35.79 2.25
N GLU B 261 -6.27 35.50 0.97
CA GLU B 261 -6.22 34.12 0.51
C GLU B 261 -4.82 33.52 0.55
N SER B 262 -3.77 34.35 0.56
CA SER B 262 -2.42 33.80 0.57
C SER B 262 -2.00 33.28 1.94
N LYS B 263 -2.74 33.59 3.00
CA LYS B 263 -2.31 33.20 4.33
C LYS B 263 -2.44 31.70 4.56
N TRP B 264 -3.46 31.07 3.97
CA TRP B 264 -3.70 29.64 4.18
C TRP B 264 -4.51 29.02 3.05
N LEU B 265 -5.60 29.68 2.65
CA LEU B 265 -6.56 29.05 1.75
C LEU B 265 -5.92 28.66 0.42
N CYS B 266 -5.22 29.59 -0.22
CA CYS B 266 -4.63 29.32 -1.52
C CYS B 266 -3.17 28.92 -1.44
N SER B 267 -2.53 29.04 -0.28
CA SER B 267 -1.11 28.76 -0.15
C SER B 267 -0.80 27.34 0.34
N GLU B 268 -1.59 26.81 1.25
CA GLU B 268 -1.39 25.42 1.63
C GLU B 268 -2.60 24.53 1.40
N PHE B 269 -3.81 24.99 1.72
CA PHE B 269 -5.01 24.18 1.54
C PHE B 269 -5.24 23.86 0.07
N LYS B 270 -5.35 24.89 -0.76
CA LYS B 270 -5.57 24.65 -2.19
C LYS B 270 -4.38 23.91 -2.80
N GLU B 271 -3.16 24.24 -2.37
CA GLU B 271 -1.97 23.59 -2.92
C GLU B 271 -2.00 22.09 -2.67
N SER B 272 -2.44 21.67 -1.49
CA SER B 272 -2.57 20.23 -1.24
C SER B 272 -3.68 19.64 -2.11
N MET B 273 -4.81 20.34 -2.24
CA MET B 273 -5.95 19.80 -2.96
C MET B 273 -5.73 19.71 -4.45
N LEU B 274 -4.82 20.53 -5.01
N LEU B 274 -4.83 20.52 -5.02
CA LEU B 274 -4.50 20.51 -6.43
CA LEU B 274 -4.59 20.44 -6.45
C LEU B 274 -3.62 19.32 -6.80
C LEU B 274 -3.50 19.45 -6.82
N THR B 275 -2.89 18.76 -5.84
CA THR B 275 -1.84 17.79 -6.13
C THR B 275 -2.38 16.61 -6.93
N LEU B 276 -1.64 16.22 -7.97
CA LEU B 276 -1.92 15.00 -8.71
C LEU B 276 -0.59 14.41 -9.15
N GLY B 277 -0.26 13.23 -8.65
CA GLY B 277 0.89 12.53 -9.15
C GLY B 277 2.20 13.05 -8.56
N LYS B 278 3.29 12.49 -9.09
CA LYS B 278 4.59 12.55 -8.44
C LYS B 278 5.46 13.72 -8.88
N GLU B 279 5.11 14.42 -9.94
CA GLU B 279 6.04 15.41 -10.45
C GLU B 279 5.93 16.73 -9.68
N SER B 280 7.01 17.50 -9.75
CA SER B 280 7.13 18.75 -9.00
C SER B 280 6.22 19.83 -9.56
N SER B 286 -1.07 29.48 -8.82
CA SER B 286 -1.85 28.50 -9.58
C SER B 286 -3.15 29.05 -10.15
N SER B 287 -3.49 28.58 -11.36
CA SER B 287 -4.67 29.00 -12.10
C SER B 287 -5.89 28.16 -11.81
N VAL B 288 -5.78 27.16 -10.94
CA VAL B 288 -6.86 26.19 -10.75
C VAL B 288 -8.06 26.89 -10.11
N PRO B 289 -9.26 26.79 -10.70
CA PRO B 289 -10.43 27.42 -10.07
C PRO B 289 -10.79 26.71 -8.78
N LEU B 290 -11.18 27.52 -7.78
CA LEU B 290 -11.61 27.01 -6.49
C LEU B 290 -13.06 27.41 -6.25
N TYR B 291 -13.94 26.42 -6.11
CA TYR B 291 -15.36 26.64 -5.84
C TYR B 291 -15.63 26.18 -4.42
N LEU B 292 -16.15 27.07 -3.58
CA LEU B 292 -16.54 26.72 -2.22
C LEU B 292 -18.07 26.80 -2.12
N ILE B 293 -18.70 25.74 -1.64
CA ILE B 293 -20.16 25.64 -1.55
C ILE B 293 -20.57 25.77 -0.08
N TYR B 294 -21.36 26.79 0.23
CA TYR B 294 -21.77 27.05 1.60
C TYR B 294 -23.12 27.75 1.55
N PRO B 295 -24.12 27.35 2.35
CA PRO B 295 -25.47 27.92 2.20
C PRO B 295 -25.50 29.43 2.38
N SER B 296 -26.22 30.09 1.47
CA SER B 296 -26.55 31.49 1.66
C SER B 296 -27.69 31.65 2.66
N VAL B 297 -27.95 32.91 3.06
CA VAL B 297 -29.09 33.20 3.94
C VAL B 297 -30.40 32.74 3.29
N GLU B 298 -30.55 32.99 2.00
N GLU B 298 -30.55 32.99 1.99
CA GLU B 298 -31.77 32.57 1.30
CA GLU B 298 -31.77 32.58 1.29
C GLU B 298 -31.91 31.05 1.27
C GLU B 298 -31.91 31.05 1.27
N ASN B 299 -30.80 30.33 1.09
CA ASN B 299 -30.85 28.87 1.14
C ASN B 299 -31.41 28.40 2.49
N VAL B 300 -30.95 29.01 3.58
CA VAL B 300 -31.41 28.62 4.92
C VAL B 300 -32.87 29.00 5.13
N ARG B 301 -33.23 30.25 4.79
CA ARG B 301 -34.59 30.75 5.02
C ARG B 301 -35.63 29.86 4.35
N THR B 302 -35.36 29.43 3.12
CA THR B 302 -36.35 28.67 2.36
C THR B 302 -36.18 27.16 2.54
N SER B 303 -35.34 26.73 3.47
CA SER B 303 -35.09 25.32 3.67
C SER B 303 -36.25 24.64 4.39
N LEU B 304 -36.21 23.30 4.41
CA LEU B 304 -37.24 22.54 5.11
C LEU B 304 -37.32 22.93 6.58
N GLU B 305 -36.17 23.12 7.22
CA GLU B 305 -36.16 23.50 8.63
C GLU B 305 -36.42 24.97 8.86
N GLY B 306 -36.15 25.81 7.85
CA GLY B 306 -36.20 27.24 8.06
C GLY B 306 -34.92 27.73 8.72
N TYR B 307 -35.00 28.93 9.31
CA TYR B 307 -33.83 29.50 9.99
C TYR B 307 -33.18 28.57 11.02
N PRO B 308 -33.90 27.71 11.75
CA PRO B 308 -33.21 26.81 12.70
C PRO B 308 -32.17 25.90 12.05
N ALA B 309 -32.24 25.68 10.74
CA ALA B 309 -31.16 24.95 10.09
C ALA B 309 -29.82 25.64 10.29
N GLY B 310 -29.85 26.97 10.46
CA GLY B 310 -28.65 27.74 10.67
C GLY B 310 -27.99 27.52 12.02
N GLY B 311 -28.69 26.91 12.97
CA GLY B 311 -28.04 26.49 14.20
C GLY B 311 -26.96 25.45 13.98
N SER B 312 -26.98 24.77 12.84
CA SER B 312 -25.99 23.77 12.46
C SER B 312 -25.10 24.24 11.33
N LEU B 313 -25.06 25.55 11.09
CA LEU B 313 -24.16 26.15 10.12
C LEU B 313 -23.35 27.21 10.86
N PRO B 314 -22.37 26.78 11.67
CA PRO B 314 -21.66 27.73 12.54
C PRO B 314 -20.64 28.53 11.74
N TYR B 315 -20.94 29.80 11.54
CA TYR B 315 -20.00 30.78 11.00
C TYR B 315 -20.36 32.05 11.73
N SER B 316 -19.45 32.55 12.55
CA SER B 316 -19.74 33.68 13.41
C SER B 316 -19.42 34.98 12.72
N ILE B 317 -20.14 36.04 13.09
CA ILE B 317 -19.92 37.35 12.50
C ILE B 317 -18.51 37.86 12.83
N GLN B 318 -18.03 37.54 14.04
CA GLN B 318 -16.70 38.01 14.44
C GLN B 318 -15.62 37.45 13.53
N THR B 319 -15.80 36.23 13.03
CA THR B 319 -14.85 35.64 12.11
C THR B 319 -15.10 36.14 10.68
N ALA B 320 -16.36 36.20 10.26
CA ALA B 320 -16.68 36.56 8.89
C ALA B 320 -16.22 37.96 8.55
N GLU B 321 -16.37 38.91 9.49
CA GLU B 321 -16.03 40.29 9.19
C GLU B 321 -14.53 40.51 9.03
N LYS B 322 -13.70 39.55 9.44
CA LYS B 322 -12.26 39.64 9.23
C LYS B 322 -11.82 39.08 7.88
N GLN B 323 -12.72 38.48 7.11
CA GLN B 323 -12.32 37.78 5.90
C GLN B 323 -13.39 37.89 4.81
N ASN B 324 -13.86 39.11 4.55
CA ASN B 324 -14.85 39.30 3.50
C ASN B 324 -14.32 38.86 2.14
N TRP B 325 -13.00 38.91 1.95
CA TRP B 325 -12.38 38.40 0.72
C TRP B 325 -12.84 36.97 0.40
N LEU B 326 -13.12 36.18 1.44
CA LEU B 326 -13.45 34.77 1.22
C LEU B 326 -14.78 34.59 0.51
N HIS B 327 -15.71 35.52 0.70
CA HIS B 327 -17.07 35.27 0.24
C HIS B 327 -17.22 35.32 -1.27
N SER B 328 -16.25 35.91 -1.97
N SER B 328 -16.25 35.90 -1.97
CA SER B 328 -16.23 35.88 -3.43
CA SER B 328 -16.26 35.88 -3.42
C SER B 328 -15.98 34.50 -4.00
C SER B 328 -16.04 34.47 -3.99
N TYR B 329 -15.59 33.53 -3.16
CA TYR B 329 -15.44 32.14 -3.57
C TYR B 329 -16.71 31.33 -3.36
N PHE B 330 -17.75 31.91 -2.76
CA PHE B 330 -18.88 31.14 -2.27
C PHE B 330 -19.95 30.91 -3.34
N HIS B 331 -20.47 29.68 -3.35
CA HIS B 331 -21.51 29.21 -4.25
C HIS B 331 -22.66 28.64 -3.43
N LYS B 332 -23.87 28.79 -3.97
CA LYS B 332 -25.08 28.37 -3.28
C LYS B 332 -25.16 26.85 -3.15
N TRP B 333 -25.93 26.41 -2.15
CA TRP B 333 -26.30 25.01 -2.06
C TRP B 333 -27.43 24.70 -3.03
N SER B 334 -27.21 23.70 -3.88
CA SER B 334 -28.22 23.26 -4.84
C SER B 334 -28.03 21.76 -5.02
N ALA B 335 -29.12 21.00 -4.89
CA ALA B 335 -29.01 19.55 -4.93
C ALA B 335 -30.24 18.93 -5.58
N GLU B 336 -30.66 19.49 -6.72
CA GLU B 336 -31.76 18.90 -7.48
C GLU B 336 -31.47 17.44 -7.82
N THR B 337 -30.20 17.09 -8.06
CA THR B 337 -29.85 15.72 -8.43
C THR B 337 -30.31 14.70 -7.38
N SER B 338 -30.35 15.09 -6.10
CA SER B 338 -30.77 14.21 -5.02
C SER B 338 -32.04 14.71 -4.32
N GLY B 339 -32.74 15.66 -4.93
CA GLY B 339 -33.96 16.19 -4.35
C GLY B 339 -33.76 16.92 -3.05
N ARG B 340 -32.55 17.46 -2.82
CA ARG B 340 -32.16 17.94 -1.50
C ARG B 340 -31.77 19.41 -1.47
N SER B 341 -32.22 20.22 -2.44
CA SER B 341 -31.87 21.64 -2.40
C SER B 341 -32.39 22.33 -1.14
N ASN B 342 -33.47 21.82 -0.53
CA ASN B 342 -34.02 22.44 0.66
C ASN B 342 -33.65 21.69 1.92
N ALA B 343 -32.76 20.69 1.83
CA ALA B 343 -32.27 19.95 2.98
C ALA B 343 -30.85 20.45 3.24
N MET B 344 -30.70 21.32 4.23
CA MET B 344 -29.43 22.03 4.36
C MET B 344 -28.28 21.05 4.60
N PRO B 345 -27.10 21.34 4.06
CA PRO B 345 -25.98 20.40 4.16
C PRO B 345 -25.30 20.45 5.51
N HIS B 346 -25.15 19.28 6.12
CA HIS B 346 -24.18 19.09 7.18
C HIS B 346 -23.10 18.11 6.76
N ILE B 347 -23.26 17.50 5.60
CA ILE B 347 -22.18 16.76 4.95
C ILE B 347 -21.04 17.72 4.62
N LYS B 348 -19.81 17.18 4.55
CA LYS B 348 -18.66 17.91 4.05
C LYS B 348 -18.03 17.05 2.96
N THR B 349 -17.76 17.65 1.81
CA THR B 349 -17.17 16.93 0.70
C THR B 349 -16.15 17.80 -0.02
N TYR B 350 -15.18 17.14 -0.64
CA TYR B 350 -14.16 17.80 -1.44
C TYR B 350 -13.91 16.93 -2.65
N MET B 351 -13.71 17.55 -3.82
CA MET B 351 -13.53 16.76 -5.03
C MET B 351 -12.84 17.57 -6.10
N ARG B 352 -12.44 16.87 -7.17
CA ARG B 352 -11.64 17.45 -8.26
C ARG B 352 -12.29 17.15 -9.60
N PRO B 353 -13.28 17.94 -10.00
CA PRO B 353 -13.95 17.69 -11.29
C PRO B 353 -13.13 18.15 -12.48
N SER B 354 -13.50 17.60 -13.63
CA SER B 354 -12.96 18.04 -14.91
C SER B 354 -13.51 19.42 -15.26
N PRO B 355 -12.94 20.09 -16.28
CA PRO B 355 -13.40 21.46 -16.61
C PRO B 355 -14.87 21.55 -16.94
N ASP B 356 -15.47 20.50 -17.51
CA ASP B 356 -16.90 20.49 -17.80
C ASP B 356 -17.71 19.74 -16.75
N PHE B 357 -17.09 19.37 -15.63
CA PHE B 357 -17.78 18.75 -14.50
C PHE B 357 -18.41 17.40 -14.84
N SER B 358 -17.96 16.75 -15.92
CA SER B 358 -18.53 15.48 -16.31
C SER B 358 -17.83 14.31 -15.65
N LYS B 359 -16.60 14.52 -15.17
CA LYS B 359 -15.80 13.47 -14.52
C LYS B 359 -15.18 14.07 -13.28
N ILE B 360 -14.73 13.20 -12.37
CA ILE B 360 -13.95 13.64 -11.21
C ILE B 360 -12.70 12.79 -11.06
N ALA B 361 -11.62 13.42 -10.60
CA ALA B 361 -10.37 12.74 -10.35
C ALA B 361 -10.32 12.07 -8.98
N TRP B 362 -11.20 12.45 -8.06
CA TRP B 362 -11.31 11.88 -6.72
C TRP B 362 -12.46 12.57 -5.99
N PHE B 363 -12.89 11.95 -4.89
CA PHE B 363 -13.98 12.46 -4.07
C PHE B 363 -13.69 12.10 -2.63
N LEU B 364 -13.87 13.06 -1.73
CA LEU B 364 -13.67 12.85 -0.29
C LEU B 364 -14.94 13.23 0.46
N VAL B 365 -15.42 12.34 1.33
CA VAL B 365 -16.45 12.68 2.31
C VAL B 365 -15.80 12.65 3.69
N THR B 366 -16.05 13.66 4.50
CA THR B 366 -15.28 13.82 5.73
C THR B 366 -16.10 14.62 6.74
N SER B 367 -15.61 14.63 7.98
CA SER B 367 -16.11 15.56 8.96
C SER B 367 -15.48 16.94 8.84
N ALA B 368 -14.38 17.09 8.10
CA ALA B 368 -13.61 18.33 8.16
C ALA B 368 -14.28 19.48 7.41
N ASN B 369 -14.49 20.59 8.11
CA ASN B 369 -15.04 21.82 7.56
C ASN B 369 -13.90 22.67 7.00
N LEU B 370 -14.21 23.90 6.56
CA LEU B 370 -13.19 24.78 5.99
C LEU B 370 -12.51 25.52 7.14
N SER B 371 -11.53 24.84 7.75
CA SER B 371 -10.99 25.22 9.05
C SER B 371 -9.53 24.78 9.15
N LYS B 372 -8.67 25.70 9.59
CA LYS B 372 -7.28 25.34 9.93
C LYS B 372 -7.23 24.32 11.07
N ALA B 373 -8.16 24.42 12.03
CA ALA B 373 -8.18 23.49 13.15
C ALA B 373 -8.35 22.06 12.66
N ALA B 374 -9.13 21.87 11.60
CA ALA B 374 -9.47 20.55 11.07
C ALA B 374 -8.41 20.03 10.12
N TRP B 375 -7.89 20.88 9.24
CA TRP B 375 -7.01 20.45 8.17
C TRP B 375 -5.53 20.59 8.50
N GLY B 376 -5.20 21.44 9.47
CA GLY B 376 -3.81 21.69 9.81
C GLY B 376 -3.29 22.98 9.21
N ALA B 377 -2.37 23.61 9.92
CA ALA B 377 -1.68 24.80 9.47
C ALA B 377 -0.19 24.64 9.72
N LEU B 378 0.61 25.02 8.72
CA LEU B 378 2.05 24.90 8.84
C LEU B 378 2.60 25.90 9.85
N GLU B 379 3.59 25.45 10.62
N GLU B 379 3.60 25.47 10.60
CA GLU B 379 4.29 26.25 11.62
CA GLU B 379 4.31 26.36 11.51
C GLU B 379 5.78 25.99 11.48
C GLU B 379 5.77 25.95 11.54
N LYS B 380 6.58 26.77 12.22
CA LYS B 380 8.02 26.55 12.31
C LYS B 380 8.68 26.50 10.93
N ASN B 381 8.46 27.57 10.16
CA ASN B 381 9.09 27.73 8.85
C ASN B 381 8.71 26.59 7.90
N GLY B 382 7.44 26.18 7.97
CA GLY B 382 6.93 25.13 7.10
C GLY B 382 7.35 23.72 7.46
N THR B 383 7.96 23.50 8.62
CA THR B 383 8.46 22.18 8.99
C THR B 383 7.50 21.39 9.86
N GLN B 384 6.43 22.01 10.34
CA GLN B 384 5.56 21.37 11.31
C GLN B 384 4.12 21.64 10.92
N LEU B 385 3.29 20.60 10.90
CA LEU B 385 1.86 20.74 10.65
C LEU B 385 1.14 20.65 11.99
N MET B 386 0.45 21.71 12.37
CA MET B 386 -0.26 21.76 13.64
C MET B 386 -1.76 21.58 13.39
N ILE B 387 -2.34 20.60 14.06
CA ILE B 387 -3.76 20.26 13.96
C ILE B 387 -4.36 20.35 15.36
N ARG B 388 -5.53 20.97 15.47
CA ARG B 388 -6.17 21.11 16.77
C ARG B 388 -7.21 20.04 17.08
N SER B 389 -7.77 19.38 16.07
CA SER B 389 -9.01 18.62 16.24
C SER B 389 -8.87 17.19 15.73
N TYR B 390 -9.86 16.38 16.09
CA TYR B 390 -10.04 15.06 15.49
C TYR B 390 -11.04 15.16 14.36
N GLU B 391 -10.67 14.64 13.19
CA GLU B 391 -11.53 14.59 12.02
C GLU B 391 -11.32 13.25 11.32
N LEU B 392 -12.28 12.83 10.50
CA LEU B 392 -12.12 11.57 9.79
C LEU B 392 -12.97 11.57 8.54
N GLY B 393 -12.37 11.09 7.44
CA GLY B 393 -13.07 10.96 6.17
C GLY B 393 -12.50 9.80 5.38
N VAL B 394 -13.16 9.53 4.25
CA VAL B 394 -12.70 8.49 3.33
C VAL B 394 -12.57 9.06 1.92
N LEU B 395 -11.49 8.69 1.25
CA LEU B 395 -11.13 9.18 -0.07
C LEU B 395 -11.37 8.10 -1.12
N PHE B 396 -12.14 8.44 -2.14
CA PHE B 396 -12.40 7.59 -3.30
C PHE B 396 -11.47 8.02 -4.43
N LEU B 397 -10.52 7.14 -4.80
CA LEU B 397 -9.59 7.38 -5.88
C LEU B 397 -9.86 6.41 -7.01
N PRO B 398 -9.89 6.88 -8.26
CA PRO B 398 -10.15 5.96 -9.39
C PRO B 398 -9.21 4.77 -9.44
N SER B 399 -7.92 4.97 -9.10
CA SER B 399 -6.97 3.86 -9.16
C SER B 399 -7.38 2.72 -8.24
N ALA B 400 -8.06 3.03 -7.13
CA ALA B 400 -8.46 1.96 -6.22
C ALA B 400 -9.61 1.14 -6.77
N PHE B 401 -10.18 1.55 -7.91
CA PHE B 401 -11.26 0.83 -8.57
C PHE B 401 -10.88 0.41 -9.98
N GLY B 402 -9.59 0.47 -10.33
CA GLY B 402 -9.16 0.09 -11.66
C GLY B 402 -9.53 1.09 -12.73
N LEU B 403 -9.70 2.36 -12.36
CA LEU B 403 -10.19 3.39 -13.27
C LEU B 403 -9.22 4.56 -13.32
N ASP B 404 -9.34 5.36 -14.39
CA ASP B 404 -8.56 6.58 -14.52
C ASP B 404 -9.30 7.81 -14.00
N SER B 405 -10.63 7.78 -14.05
CA SER B 405 -11.46 8.84 -13.48
C SER B 405 -12.83 8.22 -13.18
N PHE B 406 -13.66 8.97 -12.46
CA PHE B 406 -15.05 8.60 -12.23
C PHE B 406 -15.94 9.46 -13.10
N LYS B 407 -16.88 8.84 -13.80
CA LYS B 407 -17.94 9.63 -14.40
C LYS B 407 -18.87 10.11 -13.29
N VAL B 408 -19.40 11.32 -13.45
CA VAL B 408 -20.34 11.85 -12.48
C VAL B 408 -21.72 11.30 -12.78
N LYS B 409 -22.37 10.71 -11.77
CA LYS B 409 -23.73 10.21 -11.93
C LYS B 409 -24.68 11.39 -12.14
N GLN B 410 -25.49 11.32 -13.19
CA GLN B 410 -26.31 12.48 -13.54
C GLN B 410 -27.43 12.72 -12.56
N LYS B 411 -28.08 11.65 -12.09
CA LYS B 411 -29.13 11.74 -11.08
C LYS B 411 -28.75 10.78 -9.94
N PHE B 412 -28.68 11.33 -8.71
CA PHE B 412 -28.03 10.62 -7.61
C PHE B 412 -28.66 9.26 -7.34
N PHE B 413 -29.99 9.16 -7.47
CA PHE B 413 -30.71 7.93 -7.18
C PHE B 413 -31.15 7.17 -8.43
N ALA B 414 -30.64 7.54 -9.61
CA ALA B 414 -31.11 6.93 -10.86
C ALA B 414 -30.45 5.58 -11.13
N PRO B 419 -23.63 2.85 -15.92
CA PRO B 419 -22.70 1.80 -15.50
C PRO B 419 -22.09 2.08 -14.13
N MET B 420 -22.44 1.24 -13.14
CA MET B 420 -22.13 1.40 -11.72
C MET B 420 -20.83 2.14 -11.37
N ALA B 421 -19.88 2.23 -12.30
CA ALA B 421 -18.64 2.97 -12.09
C ALA B 421 -18.79 4.49 -12.24
N THR B 422 -19.99 5.01 -12.03
CA THR B 422 -20.24 6.44 -12.02
C THR B 422 -20.44 6.88 -10.59
N PHE B 423 -19.81 7.96 -10.21
CA PHE B 423 -19.80 8.28 -8.79
C PHE B 423 -21.00 9.15 -8.41
N PRO B 424 -21.71 8.83 -7.32
CA PRO B 424 -22.91 9.60 -6.93
C PRO B 424 -22.63 10.89 -6.19
N VAL B 425 -22.32 11.94 -6.94
CA VAL B 425 -22.13 13.27 -6.37
C VAL B 425 -23.48 13.80 -5.89
N PRO B 426 -23.63 14.20 -4.63
CA PRO B 426 -24.97 14.45 -4.09
C PRO B 426 -25.54 15.84 -4.31
N TYR B 427 -24.78 16.75 -4.92
CA TYR B 427 -25.27 18.09 -5.23
C TYR B 427 -24.97 18.44 -6.67
N ASP B 428 -25.51 19.56 -7.11
CA ASP B 428 -25.52 19.90 -8.52
C ASP B 428 -24.21 20.52 -8.97
N LEU B 429 -23.83 20.19 -10.23
CA LEU B 429 -22.69 20.78 -10.91
C LEU B 429 -23.14 21.40 -12.23
N PRO B 430 -22.51 22.51 -12.64
CA PRO B 430 -21.50 23.27 -11.89
C PRO B 430 -22.14 24.02 -10.71
N PRO B 431 -21.38 24.32 -9.66
CA PRO B 431 -21.93 25.12 -8.57
C PRO B 431 -22.25 26.53 -9.06
N GLU B 432 -23.28 27.13 -8.46
CA GLU B 432 -23.77 28.44 -8.87
C GLU B 432 -23.26 29.50 -7.90
N LEU B 433 -22.60 30.52 -8.43
CA LEU B 433 -22.07 31.61 -7.61
C LEU B 433 -23.20 32.35 -6.90
N TYR B 434 -22.93 32.78 -5.65
CA TYR B 434 -23.86 33.72 -5.00
C TYR B 434 -24.19 34.87 -5.93
N GLY B 435 -25.44 35.32 -5.87
CA GLY B 435 -25.80 36.56 -6.53
C GLY B 435 -25.37 37.77 -5.72
N SER B 436 -25.47 38.95 -6.33
CA SER B 436 -25.02 40.16 -5.66
C SER B 436 -25.79 40.45 -4.38
N LYS B 437 -27.03 39.98 -4.27
CA LYS B 437 -27.83 40.19 -3.07
C LYS B 437 -27.67 39.06 -2.05
N ASP B 438 -26.98 37.98 -2.39
CA ASP B 438 -26.81 36.89 -1.45
C ASP B 438 -25.71 37.18 -0.44
N ARG B 439 -25.82 36.56 0.73
CA ARG B 439 -24.84 36.68 1.80
C ARG B 439 -24.64 35.30 2.38
N PRO B 440 -23.44 34.99 2.89
CA PRO B 440 -23.27 33.68 3.51
C PRO B 440 -24.08 33.62 4.79
N TRP B 441 -24.59 32.42 5.11
CA TRP B 441 -25.24 32.25 6.39
C TRP B 441 -24.27 32.53 7.53
N ILE B 442 -24.61 33.49 8.38
CA ILE B 442 -23.84 33.80 9.58
C ILE B 442 -24.79 33.62 10.75
N TRP B 443 -24.42 32.73 11.69
CA TRP B 443 -25.41 32.17 12.59
C TRP B 443 -25.78 33.06 13.76
N ASN B 444 -24.97 34.07 14.09
CA ASN B 444 -25.18 34.85 15.30
C ASN B 444 -25.52 36.32 15.03
N ILE B 445 -26.16 36.59 13.89
CA ILE B 445 -26.78 37.90 13.65
C ILE B 445 -28.24 37.67 13.31
N PRO B 446 -29.13 38.64 13.54
CA PRO B 446 -30.55 38.41 13.26
C PRO B 446 -30.90 38.55 11.79
N TYR B 447 -31.95 37.83 11.39
CA TYR B 447 -32.54 37.98 10.06
C TYR B 447 -34.04 38.22 10.26
N VAL B 448 -34.48 39.45 10.01
CA VAL B 448 -35.85 39.84 10.37
C VAL B 448 -36.55 40.48 9.17
N LYS B 449 -36.02 40.29 7.96
CA LYS B 449 -36.59 40.93 6.78
C LYS B 449 -37.63 40.07 6.08
N ALA B 450 -37.49 38.75 6.11
CA ALA B 450 -38.41 37.85 5.44
C ALA B 450 -38.51 36.58 6.28
N PRO B 451 -39.70 36.04 6.46
CA PRO B 451 -39.87 34.88 7.34
C PRO B 451 -39.50 33.57 6.63
N ASP B 452 -39.24 32.55 7.45
CA ASP B 452 -38.85 31.26 6.93
C ASP B 452 -40.07 30.39 6.59
N THR B 453 -39.80 29.14 6.22
CA THR B 453 -40.87 28.22 5.82
C THR B 453 -41.80 27.86 6.96
N HIS B 454 -41.49 28.23 8.19
CA HIS B 454 -42.38 28.01 9.32
C HIS B 454 -43.01 29.30 9.82
N GLY B 455 -42.76 30.41 9.15
CA GLY B 455 -43.36 31.68 9.50
C GLY B 455 -42.57 32.52 10.48
N ASN B 456 -41.31 32.20 10.72
CA ASN B 456 -40.54 32.80 11.81
C ASN B 456 -39.35 33.59 11.28
N MET B 457 -38.86 34.51 12.12
CA MET B 457 -37.61 35.20 11.90
C MET B 457 -36.50 34.50 12.68
N TRP B 458 -35.29 35.04 12.58
CA TRP B 458 -34.12 34.52 13.31
C TRP B 458 -33.59 35.62 14.19
N VAL B 459 -33.68 35.43 15.50
CA VAL B 459 -33.21 36.42 16.47
C VAL B 459 -32.36 35.71 17.52
N PRO B 460 -31.03 35.58 17.31
CA PRO B 460 -30.15 34.90 18.26
C PRO B 460 -29.92 35.70 19.54
#